data_5CEW
#
_entry.id   5CEW
#
_cell.length_a   78.379
_cell.length_b   78.379
_cell.length_c   225.187
_cell.angle_alpha   90.00
_cell.angle_beta   90.00
_cell.angle_gamma   90.00
#
_symmetry.space_group_name_H-M   'P 43 21 2'
#
loop_
_entity.id
_entity.type
_entity.pdbx_description
1 polymer 'Malate synthase G'
2 non-polymer 'MAGNESIUM ION'
3 non-polymer '(2S,4S)-2-(pyridin-4-yl)-1,3-thiazolidine-4-carboxylic acid'
4 water water
#
_entity_poly.entity_id   1
_entity_poly.type   'polypeptide(L)'
_entity_poly.pdbx_seq_one_letter_code
;MTDRVSVGNLRIARVLYDFVNNEALPGTDIDPDSFWAGVDKVVADLTPQNQALLNARDELQAQIDKWHRRRVIEPIDMDA
YRQFLTEIGYLLPEPDDFTITTSGVDAEITTTAGPQLVVPVLNARFALNAANARWGSLYDALYGTDVIPETDGAEKGPTY
NKVRGDKVIAYARKFLDDSVPLSSGSFGDATGFTVQDGQLVVALPDKSTGLANPGQFAGYTGAAESPTSVLLINHGLHIE
ILIDPESQVGTTDRAGVKDVILESAITTIMDFEDSVAAVDAADKVLGYRNWLGLNKGDLAAAVDKDGTAFLRVLNRDRNY
TAPGGGQFTLPGRSLMFVRNVGHLMTNDAIVDTDGSEVFEGIMDALFTGLIAIHGLKASDVNGPLINSRTGSIYIVKPKM
HGPAEVAFTCELFSRVEDVLGLPQNTMKIGIMDEERRTTVNLKACIKAAADRVVFINTGFLDRTGDEIHTSMEAGPMVRK
GTMKSQPWILAYEDHNVDAGLAAGFSGRAQVGKGMWTMTELMADMVETKIAQPRAGASTAWVPSPTAATLHALHYHQVDV
AAVQQGLAGKRRATIEQLLTIPLAKELAWAPDEIREEVDNNCQSILGYVVRWVDQGVGASKVPDIHDVALMEDRATLRIS
SQLLANWLRHGVITSADVRASLERMAPLVDRQNAGDVAYRPMAPNFDDSIAFLAAQELILSGAQQPNGYTEPILHRRRRE
FKARAAEKPAPSDRAGDDAAR
;
_entity_poly.pdbx_strand_id   A
#
loop_
_chem_comp.id
_chem_comp.type
_chem_comp.name
_chem_comp.formula
6MW non-polymer '(2S,4S)-2-(pyridin-4-yl)-1,3-thiazolidine-4-carboxylic acid' 'C9 H10 N2 O2 S'
MG non-polymer 'MAGNESIUM ION' 'Mg 2'
#
# COMPACT_ATOMS: atom_id res chain seq x y z
N THR A 2 20.38 32.20 -8.89
CA THR A 2 19.35 31.22 -9.23
C THR A 2 18.01 31.54 -8.55
N ASP A 3 17.18 30.51 -8.40
CA ASP A 3 15.84 30.66 -7.86
C ASP A 3 15.74 29.92 -6.53
N ARG A 4 16.71 30.18 -5.67
CA ARG A 4 16.87 29.42 -4.43
C ARG A 4 17.01 30.32 -3.22
N VAL A 5 16.76 29.75 -2.05
CA VAL A 5 16.81 30.48 -0.79
C VAL A 5 17.93 29.92 0.08
N SER A 6 18.79 30.80 0.58
CA SER A 6 19.93 30.35 1.36
C SER A 6 19.60 30.19 2.84
N VAL A 7 19.79 28.98 3.33
CA VAL A 7 19.60 28.71 4.74
C VAL A 7 20.76 27.85 5.20
N GLY A 8 21.74 28.49 5.84
CA GLY A 8 22.98 27.81 6.20
C GLY A 8 23.67 27.26 4.98
N ASN A 9 23.93 25.95 5.01
CA ASN A 9 24.60 25.25 3.92
C ASN A 9 23.66 24.90 2.78
N LEU A 10 22.37 25.16 2.98
CA LEU A 10 21.34 24.71 2.05
C LEU A 10 20.85 25.79 1.09
N ARG A 11 20.50 25.36 -0.12
CA ARG A 11 19.89 26.22 -1.11
C ARG A 11 18.53 25.63 -1.52
N ILE A 12 17.47 26.13 -0.88
CA ILE A 12 16.11 25.60 -1.05
C ILE A 12 15.41 26.19 -2.28
N ALA A 13 14.79 25.34 -3.10
CA ALA A 13 13.98 25.84 -4.22
C ALA A 13 12.91 26.79 -3.73
N ARG A 14 12.76 27.93 -4.39
CA ARG A 14 11.84 28.98 -3.93
C ARG A 14 10.39 28.49 -3.84
N VAL A 15 9.99 27.61 -4.76
CA VAL A 15 8.62 27.09 -4.75
C VAL A 15 8.35 26.34 -3.44
N LEU A 16 9.37 25.64 -2.94
CA LEU A 16 9.28 24.89 -1.69
C LEU A 16 9.31 25.81 -0.48
N TYR A 17 10.26 26.76 -0.50
CA TYR A 17 10.38 27.73 0.59
C TYR A 17 9.05 28.46 0.81
N ASP A 18 8.48 29.00 -0.26
CA ASP A 18 7.24 29.75 -0.19
C ASP A 18 6.09 28.85 0.28
N PHE A 19 5.99 27.65 -0.28
CA PHE A 19 4.96 26.71 0.17
C PHE A 19 5.03 26.49 1.68
N VAL A 20 6.21 26.23 2.20
CA VAL A 20 6.33 25.95 3.63
C VAL A 20 6.01 27.16 4.49
N ASN A 21 6.55 28.31 4.12
CA ASN A 21 6.29 29.54 4.85
C ASN A 21 4.84 29.99 4.80
N ASN A 22 4.27 29.98 3.60
CA ASN A 22 2.93 30.50 3.42
C ASN A 22 1.79 29.55 3.75
N GLU A 23 2.03 28.23 3.60
CA GLU A 23 0.94 27.24 3.68
C GLU A 23 1.12 26.22 4.82
N ALA A 24 2.32 25.67 4.97
CA ALA A 24 2.53 24.62 5.98
C ALA A 24 2.83 25.12 7.39
N LEU A 25 3.61 26.18 7.53
CA LEU A 25 3.95 26.71 8.86
C LEU A 25 2.81 27.42 9.62
N PRO A 26 2.01 28.23 8.97
CA PRO A 26 0.95 28.91 9.68
C PRO A 26 -0.04 27.95 10.32
N GLY A 27 -0.29 28.16 11.60
CA GLY A 27 -1.21 27.38 12.38
C GLY A 27 -0.58 26.30 13.22
N THR A 28 0.73 26.16 13.13
CA THR A 28 1.47 25.12 13.85
C THR A 28 2.18 25.68 15.07
N ASP A 29 2.33 27.00 15.11
CA ASP A 29 3.05 27.70 16.17
C ASP A 29 4.52 27.28 16.26
N ILE A 30 5.09 26.90 15.12
CA ILE A 30 6.53 26.71 15.00
C ILE A 30 7.15 27.97 14.44
N ASP A 31 8.20 28.45 15.09
CA ASP A 31 8.95 29.60 14.60
C ASP A 31 9.61 29.32 13.25
N PRO A 32 9.17 30.04 12.20
CA PRO A 32 9.67 29.85 10.83
C PRO A 32 11.20 29.83 10.72
N ASP A 33 11.88 30.79 11.36
CA ASP A 33 13.34 30.82 11.33
C ASP A 33 13.90 29.56 12.02
N SER A 34 13.30 29.21 13.15
CA SER A 34 13.72 28.05 13.92
C SER A 34 13.52 26.74 13.16
N PHE A 35 12.42 26.65 12.40
CA PHE A 35 12.14 25.45 11.62
C PHE A 35 13.23 25.26 10.57
N TRP A 36 13.51 26.33 9.81
CA TRP A 36 14.55 26.29 8.77
C TRP A 36 15.95 26.02 9.31
N ALA A 37 16.25 26.56 10.48
CA ALA A 37 17.52 26.27 11.15
C ALA A 37 17.60 24.77 11.46
N GLY A 38 16.49 24.22 11.95
CA GLY A 38 16.39 22.79 12.18
C GLY A 38 16.56 21.93 10.93
N VAL A 39 15.98 22.37 9.82
CA VAL A 39 16.14 21.66 8.53
C VAL A 39 17.62 21.58 8.17
N ASP A 40 18.31 22.72 8.25
CA ASP A 40 19.74 22.76 7.96
C ASP A 40 20.53 21.87 8.93
N LYS A 41 20.23 22.00 10.21
CA LYS A 41 20.88 21.19 11.23
C LYS A 41 20.67 19.68 11.05
N VAL A 42 19.41 19.27 10.84
CA VAL A 42 19.11 17.85 10.61
C VAL A 42 19.75 17.27 9.34
N VAL A 43 19.73 18.03 8.24
CA VAL A 43 20.36 17.53 7.02
C VAL A 43 21.86 17.33 7.23
N ALA A 44 22.50 18.28 7.90
CA ALA A 44 23.94 18.22 8.14
C ALA A 44 24.34 17.07 9.06
N ASP A 45 23.61 16.88 10.15
CA ASP A 45 23.94 15.83 11.09
C ASP A 45 23.72 14.42 10.53
N LEU A 46 22.69 14.24 9.71
CA LEU A 46 22.25 12.88 9.39
C LEU A 46 22.61 12.39 7.98
N THR A 47 23.00 13.31 7.11
CA THR A 47 23.47 12.97 5.76
C THR A 47 24.63 11.96 5.74
N PRO A 48 25.67 12.15 6.59
CA PRO A 48 26.78 11.19 6.53
C PRO A 48 26.39 9.76 6.91
N GLN A 49 25.54 9.57 7.92
CA GLN A 49 25.10 8.22 8.25
C GLN A 49 24.22 7.66 7.15
N ASN A 50 23.34 8.48 6.58
CA ASN A 50 22.54 8.08 5.43
C ASN A 50 23.43 7.52 4.31
N GLN A 51 24.50 8.26 3.96
CA GLN A 51 25.43 7.81 2.94
C GLN A 51 26.18 6.54 3.37
N ALA A 52 26.56 6.47 4.64
CA ALA A 52 27.26 5.30 5.17
C ALA A 52 26.43 4.03 4.96
N LEU A 53 25.14 4.11 5.24
CA LEU A 53 24.24 2.97 5.11
C LEU A 53 24.11 2.52 3.64
N LEU A 54 23.94 3.45 2.73
CA LEU A 54 23.90 3.11 1.30
C LEU A 54 25.20 2.44 0.78
N ASN A 55 26.36 2.92 1.22
CA ASN A 55 27.62 2.26 0.88
C ASN A 55 27.71 0.83 1.48
N ALA A 56 27.13 0.62 2.65
CA ALA A 56 27.21 -0.72 3.25
C ALA A 56 26.35 -1.72 2.48
N ARG A 57 25.21 -1.27 1.96
CA ARG A 57 24.42 -2.09 1.02
C ARG A 57 25.30 -2.56 -0.14
N ASP A 58 26.00 -1.61 -0.77
CA ASP A 58 26.80 -1.90 -1.96
C ASP A 58 27.88 -2.89 -1.62
N GLU A 59 28.50 -2.69 -0.44
CA GLU A 59 29.58 -3.56 0.02
C GLU A 59 29.14 -4.99 0.31
N LEU A 60 27.95 -5.15 0.90
CA LEU A 60 27.43 -6.49 1.13
C LEU A 60 27.06 -7.16 -0.19
N GLN A 61 26.37 -6.44 -1.06
CA GLN A 61 26.05 -6.98 -2.39
C GLN A 61 27.32 -7.44 -3.16
N ALA A 62 28.37 -6.61 -3.13
CA ALA A 62 29.64 -6.97 -3.78
C ALA A 62 30.23 -8.28 -3.26
N GLN A 63 30.13 -8.51 -1.96
CA GLN A 63 30.67 -9.73 -1.35
C GLN A 63 29.88 -10.99 -1.70
N ILE A 64 28.57 -10.83 -1.85
CA ILE A 64 27.70 -11.95 -2.23
C ILE A 64 27.85 -12.28 -3.72
N ASP A 65 27.90 -11.26 -4.57
CA ASP A 65 28.24 -11.45 -5.99
C ASP A 65 29.49 -12.30 -6.13
N LYS A 66 30.50 -11.97 -5.33
CA LYS A 66 31.77 -12.68 -5.37
C LYS A 66 31.68 -14.11 -4.81
N TRP A 67 30.90 -14.29 -3.75
CA TRP A 67 30.71 -15.62 -3.17
C TRP A 67 30.17 -16.56 -4.28
N HIS A 68 29.14 -16.11 -5.00
CA HIS A 68 28.57 -16.90 -6.10
C HIS A 68 29.54 -17.15 -7.25
N ARG A 69 30.21 -16.09 -7.70
CA ARG A 69 31.11 -16.17 -8.85
C ARG A 69 32.29 -17.13 -8.69
N ARG A 70 32.71 -17.39 -7.46
CA ARG A 70 33.82 -18.33 -7.23
C ARG A 70 33.34 -19.76 -6.99
N ARG A 71 32.06 -20.01 -7.23
CA ARG A 71 31.47 -21.32 -6.97
C ARG A 71 30.90 -21.88 -8.26
N VAL A 72 30.96 -23.21 -8.43
CA VAL A 72 30.48 -23.84 -9.66
C VAL A 72 29.26 -24.76 -9.45
N ILE A 73 28.25 -24.57 -10.31
CA ILE A 73 26.97 -25.28 -10.29
C ILE A 73 26.56 -25.86 -8.92
N GLU A 74 26.14 -27.12 -8.90
CA GLU A 74 25.87 -27.85 -7.65
C GLU A 74 24.75 -27.28 -6.78
N PRO A 75 24.23 -28.08 -5.84
CA PRO A 75 23.31 -27.58 -4.81
C PRO A 75 24.01 -26.67 -3.79
N ILE A 76 23.36 -25.55 -3.47
CA ILE A 76 23.90 -24.44 -2.68
C ILE A 76 24.89 -24.74 -1.53
N ASP A 77 24.54 -25.71 -0.69
CA ASP A 77 25.14 -25.88 0.64
C ASP A 77 24.80 -24.71 1.55
N MET A 78 23.75 -24.92 2.34
CA MET A 78 23.13 -23.87 3.14
C MET A 78 23.99 -23.44 4.32
N ASP A 79 24.63 -24.41 4.98
CA ASP A 79 25.41 -24.13 6.19
C ASP A 79 26.58 -23.18 5.95
N ALA A 80 27.23 -23.33 4.79
CA ALA A 80 28.34 -22.45 4.45
C ALA A 80 27.79 -21.07 4.06
N TYR A 81 26.68 -21.08 3.33
CA TYR A 81 26.08 -19.84 2.83
C TYR A 81 25.58 -19.02 4.00
N ARG A 82 24.88 -19.66 4.93
CA ARG A 82 24.46 -19.01 6.18
C ARG A 82 25.65 -18.49 6.97
N GLN A 83 26.68 -19.32 7.09
CA GLN A 83 27.87 -18.94 7.84
C GLN A 83 28.48 -17.69 7.23
N PHE A 84 28.54 -17.67 5.90
CA PHE A 84 29.12 -16.56 5.18
C PHE A 84 28.33 -15.26 5.38
N LEU A 85 27.00 -15.35 5.26
CA LEU A 85 26.14 -14.19 5.49
C LEU A 85 26.31 -13.63 6.91
N THR A 86 26.61 -14.53 7.85
CA THR A 86 26.86 -14.14 9.23
C THR A 86 28.21 -13.43 9.38
N GLU A 87 29.25 -13.99 8.77
CA GLU A 87 30.60 -13.41 8.85
C GLU A 87 30.66 -12.00 8.29
N ILE A 88 29.93 -11.75 7.20
CA ILE A 88 29.96 -10.44 6.57
C ILE A 88 28.99 -9.44 7.20
N GLY A 89 28.22 -9.90 8.19
CA GLY A 89 27.30 -9.02 8.89
C GLY A 89 25.97 -8.78 8.17
N TYR A 90 25.62 -9.66 7.25
CA TYR A 90 24.35 -9.58 6.54
C TYR A 90 23.25 -10.16 7.44
N LEU A 91 23.54 -11.33 7.99
CA LEU A 91 22.67 -11.97 8.97
C LEU A 91 23.20 -11.66 10.36
N LEU A 92 22.37 -11.02 11.19
CA LEU A 92 22.75 -10.67 12.54
C LEU A 92 22.10 -11.62 13.55
N PRO A 93 22.69 -11.74 14.75
CA PRO A 93 22.03 -12.58 15.74
C PRO A 93 20.65 -12.03 16.14
N GLU A 94 19.76 -12.97 16.43
CA GLU A 94 18.39 -12.68 16.86
C GLU A 94 18.37 -12.37 18.34
N PRO A 95 17.78 -11.22 18.71
CA PRO A 95 17.67 -10.77 20.11
C PRO A 95 16.66 -11.61 20.86
N ASP A 96 16.70 -11.52 22.19
CA ASP A 96 15.74 -12.22 23.04
C ASP A 96 14.35 -11.70 22.76
N ASP A 97 13.35 -12.48 23.15
CA ASP A 97 11.96 -12.11 23.01
C ASP A 97 11.67 -10.79 23.73
N PHE A 98 10.74 -10.02 23.19
CA PHE A 98 10.40 -8.71 23.74
C PHE A 98 9.00 -8.35 23.26
N THR A 99 8.40 -7.32 23.84
CA THR A 99 7.08 -6.84 23.48
C THR A 99 7.19 -5.37 23.10
N ILE A 100 6.58 -4.97 21.99
CA ILE A 100 6.59 -3.57 21.58
C ILE A 100 5.83 -2.74 22.61
N THR A 101 6.18 -1.47 22.74
CA THR A 101 5.65 -0.64 23.81
C THR A 101 4.94 0.59 23.27
N THR A 102 4.81 0.63 21.94
CA THR A 102 4.20 1.75 21.21
C THR A 102 2.88 2.20 21.83
N SER A 103 2.74 3.51 22.03
CA SER A 103 1.59 4.06 22.73
C SER A 103 1.03 5.29 22.02
N GLY A 104 -0.18 5.69 22.38
CA GLY A 104 -0.87 6.81 21.74
C GLY A 104 -1.33 6.51 20.32
N VAL A 105 -1.64 5.25 20.06
CA VAL A 105 -2.08 4.82 18.72
C VAL A 105 -3.62 4.64 18.65
N ASP A 106 -4.21 5.01 17.51
CA ASP A 106 -5.66 4.94 17.33
C ASP A 106 -6.19 3.51 17.27
N ALA A 107 -7.44 3.36 17.67
CA ALA A 107 -8.15 2.08 17.66
C ALA A 107 -8.15 1.41 16.28
N GLU A 108 -8.20 2.22 15.22
CA GLU A 108 -8.23 1.72 13.84
C GLU A 108 -7.00 0.88 13.56
N ILE A 109 -5.90 1.18 14.25
CA ILE A 109 -4.65 0.48 14.07
C ILE A 109 -4.44 -0.63 15.10
N THR A 110 -4.73 -0.32 16.36
CA THR A 110 -4.44 -1.27 17.44
C THR A 110 -5.38 -2.48 17.44
N THR A 111 -6.66 -2.25 17.12
CA THR A 111 -7.68 -3.26 17.38
C THR A 111 -8.51 -3.69 16.17
N THR A 112 -8.80 -2.76 15.27
CA THR A 112 -9.68 -3.05 14.15
C THR A 112 -8.95 -3.76 13.02
N ALA A 113 -9.45 -4.94 12.63
CA ALA A 113 -8.93 -5.63 11.46
C ALA A 113 -9.77 -5.27 10.23
N GLY A 114 -9.13 -4.92 9.12
CA GLY A 114 -9.84 -4.53 7.91
C GLY A 114 -8.95 -4.08 6.75
N PRO A 115 -9.58 -3.78 5.60
CA PRO A 115 -8.83 -3.42 4.39
C PRO A 115 -8.06 -2.12 4.57
N GLN A 116 -7.00 -1.95 3.80
CA GLN A 116 -6.20 -0.71 3.82
C GLN A 116 -5.90 -0.30 2.37
N LEU A 117 -6.16 0.97 2.09
CA LEU A 117 -6.08 1.53 0.76
C LEU A 117 -4.74 2.25 0.61
N VAL A 118 -4.14 2.19 -0.57
CA VAL A 118 -2.94 2.96 -0.85
C VAL A 118 -3.19 3.77 -2.14
N VAL A 119 -2.91 5.06 -2.11
CA VAL A 119 -3.24 5.94 -3.24
C VAL A 119 -2.17 7.02 -3.42
N PRO A 120 -1.93 7.42 -4.68
CA PRO A 120 -0.93 8.44 -4.99
C PRO A 120 -1.36 9.78 -4.43
N VAL A 121 -0.49 10.41 -3.67
CA VAL A 121 -0.83 11.68 -3.03
C VAL A 121 -0.88 12.83 -4.04
N LEU A 122 -0.26 12.62 -5.19
CA LEU A 122 -0.24 13.61 -6.29
C LEU A 122 -1.57 13.67 -7.02
N ASN A 123 -2.39 12.65 -6.82
CA ASN A 123 -3.72 12.62 -7.43
C ASN A 123 -4.80 13.02 -6.42
N ALA A 124 -5.17 14.30 -6.44
CA ALA A 124 -6.09 14.88 -5.47
C ALA A 124 -7.46 14.19 -5.43
N ARG A 125 -7.91 13.69 -6.58
CA ARG A 125 -9.20 13.02 -6.67
C ARG A 125 -9.18 11.59 -6.10
N PHE A 126 -8.12 10.84 -6.38
CA PHE A 126 -7.96 9.50 -5.79
C PHE A 126 -7.79 9.59 -4.26
N ALA A 127 -7.03 10.58 -3.81
CA ALA A 127 -6.79 10.77 -2.38
C ALA A 127 -8.10 11.06 -1.64
N LEU A 128 -8.87 11.99 -2.17
CA LEU A 128 -10.18 12.35 -1.62
C LEU A 128 -11.15 11.16 -1.55
N ASN A 129 -11.23 10.40 -2.65
CA ASN A 129 -12.07 9.20 -2.71
C ASN A 129 -11.64 8.16 -1.67
N ALA A 130 -10.33 7.99 -1.51
CA ALA A 130 -9.81 7.08 -0.49
C ALA A 130 -10.15 7.54 0.92
N ALA A 131 -9.85 8.80 1.25
CA ALA A 131 -10.22 9.36 2.54
C ALA A 131 -11.70 9.11 2.90
N ASN A 132 -12.57 9.22 1.89
CA ASN A 132 -14.02 9.04 2.05
C ASN A 132 -14.49 7.56 1.96
N ALA A 133 -13.55 6.65 1.75
CA ALA A 133 -13.89 5.25 1.46
C ALA A 133 -14.09 4.40 2.71
N ARG A 134 -14.05 5.02 3.88
CA ARG A 134 -14.31 4.34 5.15
C ARG A 134 -15.64 3.58 5.12
N TRP A 135 -16.65 4.20 4.50
CA TRP A 135 -17.97 3.62 4.41
C TRP A 135 -18.35 3.50 2.95
N GLY A 136 -18.57 2.27 2.48
CA GLY A 136 -18.80 2.04 1.07
C GLY A 136 -20.05 1.19 0.83
N SER A 137 -20.70 1.40 -0.31
CA SER A 137 -21.94 0.69 -0.69
C SER A 137 -21.65 -0.72 -1.20
N LEU A 138 -22.23 -1.72 -0.54
CA LEU A 138 -22.05 -3.10 -0.98
C LEU A 138 -22.79 -3.36 -2.28
N TYR A 139 -23.96 -2.75 -2.44
CA TYR A 139 -24.78 -2.96 -3.62
C TYR A 139 -24.06 -2.40 -4.84
N ASP A 140 -23.43 -1.23 -4.68
CA ASP A 140 -22.64 -0.66 -5.75
C ASP A 140 -21.46 -1.57 -6.11
N ALA A 141 -20.72 -2.02 -5.10
CA ALA A 141 -19.57 -2.90 -5.31
C ALA A 141 -19.94 -4.24 -5.94
N LEU A 142 -21.16 -4.71 -5.68
CA LEU A 142 -21.59 -6.01 -6.23
C LEU A 142 -22.17 -5.86 -7.63
N TYR A 143 -23.06 -4.88 -7.81
CA TYR A 143 -23.65 -4.61 -9.13
C TYR A 143 -22.56 -4.26 -10.13
N GLY A 144 -21.60 -3.45 -9.69
CA GLY A 144 -20.59 -2.89 -10.57
C GLY A 144 -19.41 -3.75 -10.96
N THR A 145 -19.21 -4.87 -10.28
CA THR A 145 -18.07 -5.74 -10.59
C THR A 145 -18.53 -7.15 -10.95
N ASP A 146 -17.58 -8.01 -11.29
CA ASP A 146 -17.90 -9.37 -11.73
C ASP A 146 -18.20 -10.33 -10.58
N VAL A 147 -18.20 -9.84 -9.34
CA VAL A 147 -18.61 -10.66 -8.20
C VAL A 147 -19.98 -11.29 -8.46
N ILE A 148 -20.90 -10.51 -9.02
CA ILE A 148 -22.11 -11.09 -9.60
C ILE A 148 -21.81 -11.31 -11.07
N PRO A 149 -21.66 -12.57 -11.48
CA PRO A 149 -21.29 -12.93 -12.86
C PRO A 149 -22.16 -12.23 -13.91
N GLU A 150 -21.54 -11.77 -14.98
CA GLU A 150 -22.23 -11.18 -16.12
C GLU A 150 -22.68 -12.26 -17.11
N THR A 151 -23.51 -13.19 -16.64
CA THR A 151 -24.04 -14.23 -17.50
C THR A 151 -25.39 -13.84 -18.07
N ASP A 152 -26.00 -14.75 -18.81
CA ASP A 152 -27.26 -14.49 -19.51
C ASP A 152 -28.33 -13.91 -18.62
N GLY A 153 -28.92 -12.80 -19.06
CA GLY A 153 -29.98 -12.16 -18.31
C GLY A 153 -29.53 -11.16 -17.23
N ALA A 154 -28.30 -11.33 -16.75
CA ALA A 154 -27.80 -10.49 -15.66
C ALA A 154 -26.57 -9.69 -16.07
N GLU A 155 -26.53 -9.26 -17.32
CA GLU A 155 -25.44 -8.44 -17.83
C GLU A 155 -25.64 -6.97 -17.45
N LYS A 156 -24.55 -6.22 -17.37
CA LYS A 156 -24.62 -4.80 -17.05
C LYS A 156 -24.82 -3.96 -18.31
N GLY A 157 -25.90 -3.21 -18.36
CA GLY A 157 -26.24 -2.43 -19.54
C GLY A 157 -26.19 -0.93 -19.32
N PRO A 158 -26.84 -0.17 -20.21
CA PRO A 158 -26.91 1.30 -20.10
C PRO A 158 -27.67 1.75 -18.87
N THR A 159 -28.73 1.02 -18.52
CA THR A 159 -29.58 1.33 -17.37
C THR A 159 -29.75 0.13 -16.44
N TYR A 160 -30.45 0.33 -15.33
CA TYR A 160 -30.65 -0.70 -14.29
C TYR A 160 -31.20 -2.04 -14.79
N ASN A 161 -30.46 -3.11 -14.55
CA ASN A 161 -30.89 -4.48 -14.87
C ASN A 161 -31.45 -5.17 -13.63
N LYS A 162 -32.76 -5.39 -13.61
CA LYS A 162 -33.44 -5.92 -12.43
C LYS A 162 -33.17 -7.39 -12.07
N VAL A 163 -32.71 -8.17 -13.04
CA VAL A 163 -32.31 -9.54 -12.75
C VAL A 163 -30.98 -9.47 -12.00
N ARG A 164 -30.11 -8.57 -12.44
CA ARG A 164 -28.80 -8.42 -11.82
C ARG A 164 -28.92 -7.86 -10.41
N GLY A 165 -29.79 -6.87 -10.26
CA GLY A 165 -30.06 -6.26 -8.96
C GLY A 165 -30.64 -7.24 -7.95
N ASP A 166 -31.45 -8.19 -8.42
CA ASP A 166 -31.99 -9.20 -7.51
C ASP A 166 -30.92 -10.19 -7.03
N LYS A 167 -29.96 -10.51 -7.89
CA LYS A 167 -28.83 -11.33 -7.47
C LYS A 167 -27.97 -10.56 -6.48
N VAL A 168 -27.84 -9.25 -6.69
CA VAL A 168 -27.14 -8.40 -5.75
C VAL A 168 -27.80 -8.49 -4.38
N ILE A 169 -29.09 -8.21 -4.35
CA ILE A 169 -29.88 -8.30 -3.12
C ILE A 169 -29.69 -9.64 -2.39
N ALA A 170 -29.80 -10.74 -3.14
CA ALA A 170 -29.67 -12.08 -2.57
C ALA A 170 -28.28 -12.32 -1.98
N TYR A 171 -27.26 -11.84 -2.68
CA TYR A 171 -25.89 -11.97 -2.18
C TYR A 171 -25.73 -11.26 -0.83
N ALA A 172 -26.29 -10.06 -0.74
CA ALA A 172 -26.18 -9.26 0.48
C ALA A 172 -27.01 -9.85 1.62
N ARG A 173 -28.11 -10.53 1.29
CA ARG A 173 -28.93 -11.15 2.32
C ARG A 173 -28.16 -12.30 2.96
N LYS A 174 -27.50 -13.09 2.12
CA LYS A 174 -26.68 -14.22 2.58
C LYS A 174 -25.51 -13.75 3.46
N PHE A 175 -24.90 -12.63 3.08
CA PHE A 175 -23.84 -12.05 3.88
C PHE A 175 -24.36 -11.66 5.26
N LEU A 176 -25.58 -11.14 5.31
CA LEU A 176 -26.18 -10.77 6.60
C LEU A 176 -26.43 -12.02 7.45
N ASP A 177 -26.96 -13.07 6.83
CA ASP A 177 -27.22 -14.32 7.53
C ASP A 177 -25.93 -14.90 8.11
N ASP A 178 -24.87 -14.92 7.31
CA ASP A 178 -23.56 -15.40 7.76
C ASP A 178 -22.90 -14.51 8.85
N SER A 179 -23.10 -13.20 8.78
CA SER A 179 -22.37 -12.28 9.65
C SER A 179 -23.11 -11.85 10.91
N VAL A 180 -24.42 -11.68 10.81
CA VAL A 180 -25.22 -11.22 11.94
C VAL A 180 -26.47 -12.11 11.98
N PRO A 181 -26.30 -13.38 12.37
CA PRO A 181 -27.42 -14.34 12.36
C PRO A 181 -28.63 -13.93 13.21
N LEU A 182 -29.82 -14.17 12.67
CA LEU A 182 -31.06 -14.05 13.40
C LEU A 182 -31.23 -15.30 14.25
N SER A 183 -31.91 -15.18 15.39
CA SER A 183 -32.16 -16.35 16.24
C SER A 183 -32.96 -17.39 15.48
N SER A 184 -33.81 -16.91 14.58
CA SER A 184 -34.66 -17.78 13.77
C SER A 184 -34.90 -17.14 12.41
N GLY A 185 -34.86 -17.97 11.37
CA GLY A 185 -35.14 -17.50 10.03
C GLY A 185 -33.97 -16.85 9.32
N SER A 186 -34.25 -16.27 8.16
CA SER A 186 -33.22 -15.66 7.32
C SER A 186 -33.56 -14.20 7.01
N PHE A 187 -32.52 -13.37 6.88
CA PHE A 187 -32.71 -11.99 6.48
C PHE A 187 -33.42 -11.94 5.13
N GLY A 188 -33.24 -12.98 4.33
CA GLY A 188 -33.89 -13.08 3.04
C GLY A 188 -35.42 -12.99 3.05
N ASP A 189 -36.04 -13.28 4.19
CA ASP A 189 -37.50 -13.25 4.27
C ASP A 189 -38.05 -12.05 5.07
N ALA A 190 -37.16 -11.21 5.58
CA ALA A 190 -37.59 -10.08 6.40
C ALA A 190 -38.59 -9.17 5.68
N THR A 191 -39.53 -8.62 6.42
CA THR A 191 -40.51 -7.68 5.86
C THR A 191 -40.32 -6.28 6.45
N GLY A 192 -39.59 -6.19 7.56
CA GLY A 192 -39.36 -4.91 8.21
C GLY A 192 -38.40 -5.02 9.37
N PHE A 193 -37.96 -3.87 9.87
CA PHE A 193 -37.05 -3.79 11.01
C PHE A 193 -37.63 -2.76 11.96
N THR A 194 -37.59 -3.04 13.25
CA THR A 194 -38.00 -2.08 14.27
C THR A 194 -37.16 -2.26 15.49
N VAL A 195 -37.20 -1.26 16.38
CA VAL A 195 -36.43 -1.31 17.62
C VAL A 195 -37.37 -1.17 18.81
N GLN A 196 -37.53 -2.23 19.60
CA GLN A 196 -38.35 -2.14 20.79
C GLN A 196 -37.55 -2.58 22.01
N ASP A 197 -37.69 -1.83 23.10
CA ASP A 197 -36.96 -2.11 24.34
C ASP A 197 -35.44 -2.16 24.12
N GLY A 198 -34.96 -1.40 23.15
CA GLY A 198 -33.53 -1.36 22.85
C GLY A 198 -33.02 -2.60 22.13
N GLN A 199 -33.92 -3.35 21.52
CA GLN A 199 -33.55 -4.58 20.84
C GLN A 199 -34.01 -4.53 19.39
N LEU A 200 -33.21 -5.05 18.48
CA LEU A 200 -33.60 -5.11 17.08
C LEU A 200 -34.63 -6.22 16.88
N VAL A 201 -35.77 -5.86 16.29
CA VAL A 201 -36.80 -6.83 15.99
C VAL A 201 -36.94 -6.92 14.50
N VAL A 202 -36.68 -8.10 13.95
CA VAL A 202 -36.83 -8.32 12.52
C VAL A 202 -38.14 -9.05 12.25
N ALA A 203 -39.01 -8.40 11.48
CA ALA A 203 -40.31 -8.96 11.12
C ALA A 203 -40.20 -9.96 9.98
N LEU A 204 -40.69 -11.18 10.22
CA LEU A 204 -40.77 -12.22 9.21
C LEU A 204 -42.24 -12.44 8.83
N PRO A 205 -42.51 -13.20 7.76
CA PRO A 205 -43.92 -13.35 7.36
C PRO A 205 -44.80 -14.03 8.41
N ASP A 206 -44.22 -14.92 9.22
CA ASP A 206 -45.00 -15.75 10.12
C ASP A 206 -44.77 -15.43 11.60
N LYS A 207 -43.81 -14.54 11.88
CA LYS A 207 -43.36 -14.33 13.24
C LYS A 207 -42.34 -13.21 13.29
N SER A 208 -41.93 -12.85 14.49
CA SER A 208 -40.83 -11.91 14.68
C SER A 208 -39.65 -12.64 15.30
N THR A 209 -38.50 -11.98 15.29
CA THR A 209 -37.29 -12.59 15.81
C THR A 209 -36.23 -11.53 16.06
N GLY A 210 -35.30 -11.85 16.94
CA GLY A 210 -34.19 -10.96 17.23
C GLY A 210 -32.90 -11.53 16.68
N LEU A 211 -31.79 -10.90 16.99
CA LEU A 211 -30.49 -11.41 16.60
C LEU A 211 -30.12 -12.56 17.52
N ALA A 212 -29.47 -13.58 16.97
CA ALA A 212 -28.89 -14.65 17.79
C ALA A 212 -27.95 -14.04 18.82
N ASN A 213 -27.24 -12.97 18.45
CA ASN A 213 -26.46 -12.19 19.39
C ASN A 213 -26.88 -10.72 19.42
N PRO A 214 -27.73 -10.37 20.40
CA PRO A 214 -28.28 -9.02 20.56
C PRO A 214 -27.19 -7.98 20.64
N GLY A 215 -26.04 -8.34 21.23
CA GLY A 215 -24.86 -7.49 21.24
C GLY A 215 -24.38 -6.96 19.89
N GLN A 216 -24.79 -7.57 18.78
CA GLN A 216 -24.36 -7.09 17.46
C GLN A 216 -25.21 -5.92 16.94
N PHE A 217 -26.30 -5.61 17.65
CA PHE A 217 -27.09 -4.42 17.37
C PHE A 217 -26.34 -3.17 17.85
N ALA A 218 -25.91 -2.34 16.91
CA ALA A 218 -25.13 -1.15 17.25
C ALA A 218 -25.97 0.10 17.42
N GLY A 219 -27.09 0.16 16.70
CA GLY A 219 -27.96 1.32 16.77
C GLY A 219 -28.76 1.54 15.49
N TYR A 220 -29.20 2.78 15.26
CA TYR A 220 -30.13 3.06 14.18
C TYR A 220 -30.28 4.56 13.88
N THR A 221 -31.00 4.86 12.80
CA THR A 221 -31.41 6.24 12.53
C THR A 221 -32.92 6.29 12.27
N GLY A 222 -33.52 7.45 12.49
CA GLY A 222 -34.95 7.61 12.28
C GLY A 222 -35.73 7.07 13.47
N ALA A 223 -37.04 6.94 13.32
CA ALA A 223 -37.88 6.49 14.41
C ALA A 223 -37.60 5.02 14.75
N ALA A 224 -37.54 4.70 16.04
CA ALA A 224 -37.45 3.31 16.48
C ALA A 224 -38.52 2.44 15.83
N GLU A 225 -39.73 2.99 15.68
CA GLU A 225 -40.84 2.20 15.16
C GLU A 225 -40.87 2.14 13.64
N SER A 226 -40.00 2.91 12.98
CA SER A 226 -39.92 2.88 11.52
C SER A 226 -38.60 3.50 11.04
N PRO A 227 -37.48 2.80 11.32
CA PRO A 227 -36.12 3.35 11.21
C PRO A 227 -35.73 3.62 9.76
N THR A 228 -34.87 4.62 9.55
CA THR A 228 -34.30 4.90 8.24
C THR A 228 -33.08 4.01 7.96
N SER A 229 -32.38 3.64 9.02
CA SER A 229 -31.31 2.66 8.88
C SER A 229 -31.12 1.88 10.17
N VAL A 230 -30.57 0.67 10.05
CA VAL A 230 -30.17 -0.10 11.23
C VAL A 230 -28.66 -0.34 11.18
N LEU A 231 -27.99 -0.14 12.32
CA LEU A 231 -26.54 -0.31 12.40
C LEU A 231 -26.19 -1.57 13.16
N LEU A 232 -25.36 -2.42 12.55
CA LEU A 232 -24.89 -3.66 13.15
C LEU A 232 -23.37 -3.64 13.27
N ILE A 233 -22.81 -4.54 14.08
CA ILE A 233 -21.37 -4.68 14.21
C ILE A 233 -20.95 -6.16 14.26
N ASN A 234 -19.88 -6.50 13.56
CA ASN A 234 -19.37 -7.87 13.59
C ASN A 234 -17.86 -7.86 13.42
N HIS A 235 -17.14 -8.53 14.32
CA HIS A 235 -15.67 -8.47 14.35
C HIS A 235 -15.10 -7.04 14.38
N GLY A 236 -15.82 -6.12 15.02
CA GLY A 236 -15.33 -4.75 15.17
C GLY A 236 -15.60 -3.84 13.98
N LEU A 237 -16.27 -4.36 12.95
CA LEU A 237 -16.60 -3.58 11.74
C LEU A 237 -18.10 -3.38 11.62
N HIS A 238 -18.51 -2.16 11.22
CA HIS A 238 -19.92 -1.84 11.12
C HIS A 238 -20.58 -2.18 9.78
N ILE A 239 -21.87 -2.45 9.86
CA ILE A 239 -22.68 -2.81 8.72
C ILE A 239 -23.96 -2.01 8.86
N GLU A 240 -24.31 -1.22 7.85
CA GLU A 240 -25.50 -0.39 7.93
C GLU A 240 -26.52 -0.81 6.89
N ILE A 241 -27.71 -1.15 7.35
CA ILE A 241 -28.81 -1.48 6.47
C ILE A 241 -29.64 -0.22 6.28
N LEU A 242 -29.65 0.33 5.06
CA LEU A 242 -30.43 1.52 4.74
C LEU A 242 -31.83 1.09 4.32
N ILE A 243 -32.84 1.68 4.96
CA ILE A 243 -34.23 1.34 4.66
C ILE A 243 -34.92 2.49 3.97
N ASP A 244 -35.35 2.28 2.73
CA ASP A 244 -35.97 3.35 1.95
C ASP A 244 -36.78 2.73 0.81
N PRO A 245 -38.05 2.42 1.05
CA PRO A 245 -38.98 1.84 0.07
C PRO A 245 -39.15 2.73 -1.16
N GLU A 246 -38.86 4.02 -1.05
CA GLU A 246 -38.99 4.92 -2.18
C GLU A 246 -37.64 5.21 -2.86
N SER A 247 -36.86 4.16 -3.03
CA SER A 247 -35.62 4.25 -3.79
C SER A 247 -35.70 3.29 -4.97
N GLN A 248 -34.83 3.51 -5.95
CA GLN A 248 -34.69 2.66 -7.13
C GLN A 248 -34.72 1.19 -6.75
N VAL A 249 -33.94 0.86 -5.73
CA VAL A 249 -33.76 -0.52 -5.30
C VAL A 249 -34.73 -0.92 -4.18
N GLY A 250 -34.97 -0.01 -3.24
CA GLY A 250 -35.85 -0.33 -2.11
C GLY A 250 -37.24 -0.77 -2.56
N THR A 251 -37.72 -0.16 -3.64
CA THR A 251 -39.06 -0.39 -4.14
C THR A 251 -39.24 -1.84 -4.62
N THR A 252 -38.14 -2.50 -4.94
CA THR A 252 -38.19 -3.88 -5.40
C THR A 252 -37.91 -4.86 -4.28
N ASP A 253 -37.64 -4.34 -3.08
CA ASP A 253 -37.18 -5.18 -1.96
C ASP A 253 -38.26 -5.53 -0.94
N ARG A 254 -38.20 -6.75 -0.40
CA ARG A 254 -39.21 -7.25 0.53
C ARG A 254 -39.30 -6.48 1.85
N ALA A 255 -38.20 -5.87 2.29
CA ALA A 255 -38.23 -5.04 3.49
C ALA A 255 -37.95 -3.56 3.17
N GLY A 256 -37.94 -3.23 1.87
CA GLY A 256 -37.71 -1.88 1.43
C GLY A 256 -36.28 -1.44 1.62
N VAL A 257 -35.37 -2.41 1.69
CA VAL A 257 -33.94 -2.15 1.87
C VAL A 257 -33.32 -1.52 0.63
N LYS A 258 -32.68 -0.36 0.83
CA LYS A 258 -32.10 0.43 -0.24
C LYS A 258 -30.67 0.03 -0.54
N ASP A 259 -29.90 -0.31 0.50
CA ASP A 259 -28.50 -0.67 0.32
C ASP A 259 -27.96 -1.26 1.62
N VAL A 260 -26.81 -1.90 1.52
CA VAL A 260 -26.02 -2.29 2.70
C VAL A 260 -24.68 -1.57 2.62
N ILE A 261 -24.39 -0.76 3.64
CA ILE A 261 -23.13 -0.01 3.69
C ILE A 261 -22.17 -0.73 4.61
N LEU A 262 -20.95 -0.96 4.13
CA LEU A 262 -19.93 -1.60 4.96
C LEU A 262 -18.85 -0.60 5.30
N GLU A 263 -18.49 -0.54 6.57
CA GLU A 263 -17.24 0.10 6.96
C GLU A 263 -16.15 -0.71 6.27
N SER A 264 -15.32 -0.02 5.47
CA SER A 264 -14.48 -0.66 4.45
C SER A 264 -13.00 -0.35 4.65
N ALA A 265 -12.52 0.73 4.02
CA ALA A 265 -11.15 1.15 4.22
C ALA A 265 -11.02 1.86 5.56
N ILE A 266 -10.55 1.12 6.56
CA ILE A 266 -10.40 1.66 7.91
C ILE A 266 -9.26 2.67 7.94
N THR A 267 -8.22 2.36 7.18
CA THR A 267 -7.05 3.22 7.10
C THR A 267 -6.65 3.35 5.63
N THR A 268 -5.91 4.40 5.33
CA THR A 268 -5.47 4.70 3.99
C THR A 268 -4.05 5.25 4.07
N ILE A 269 -3.22 4.85 3.12
CA ILE A 269 -1.84 5.30 3.03
C ILE A 269 -1.72 6.26 1.86
N MET A 270 -1.45 7.54 2.17
CA MET A 270 -1.19 8.58 1.18
C MET A 270 0.28 8.49 0.76
N ASP A 271 0.51 8.18 -0.51
CA ASP A 271 1.82 7.73 -0.96
C ASP A 271 2.63 8.80 -1.69
N PHE A 272 3.85 9.04 -1.21
CA PHE A 272 4.84 9.89 -1.88
C PHE A 272 5.89 9.03 -2.59
N GLU A 273 5.80 7.71 -2.42
CA GLU A 273 6.83 6.83 -2.96
C GLU A 273 6.44 6.24 -4.31
N ASP A 274 6.27 4.91 -4.36
CA ASP A 274 6.24 4.19 -5.62
C ASP A 274 5.01 4.37 -6.51
N SER A 275 3.93 4.93 -5.99
CA SER A 275 2.77 5.18 -6.87
C SER A 275 2.76 6.59 -7.50
N VAL A 276 3.76 7.41 -7.18
CA VAL A 276 3.80 8.77 -7.74
C VAL A 276 5.14 9.03 -8.45
N ALA A 277 5.08 9.89 -9.47
CA ALA A 277 6.28 10.33 -10.17
C ALA A 277 6.57 11.77 -9.79
N ALA A 278 7.58 11.95 -8.95
CA ALA A 278 7.93 13.26 -8.42
C ALA A 278 9.43 13.43 -8.44
N VAL A 279 9.94 14.23 -9.37
CA VAL A 279 11.36 14.23 -9.67
C VAL A 279 12.03 15.58 -9.49
N ASP A 280 11.29 16.56 -8.99
CA ASP A 280 11.86 17.88 -8.74
C ASP A 280 11.00 18.60 -7.71
N ALA A 281 11.36 19.85 -7.42
CA ALA A 281 10.71 20.61 -6.37
C ALA A 281 9.23 20.87 -6.68
N ALA A 282 8.93 21.20 -7.94
CA ALA A 282 7.55 21.45 -8.35
C ALA A 282 6.64 20.23 -8.09
N ASP A 283 7.13 19.04 -8.41
CA ASP A 283 6.35 17.82 -8.13
C ASP A 283 6.16 17.58 -6.63
N LYS A 284 7.21 17.81 -5.84
CA LYS A 284 7.15 17.54 -4.41
C LYS A 284 6.17 18.50 -3.72
N VAL A 285 6.16 19.75 -4.16
CA VAL A 285 5.22 20.74 -3.63
C VAL A 285 3.77 20.38 -3.93
N LEU A 286 3.50 19.88 -5.15
CA LEU A 286 2.16 19.43 -5.50
C LEU A 286 1.70 18.34 -4.52
N GLY A 287 2.63 17.45 -4.20
CA GLY A 287 2.35 16.38 -3.25
C GLY A 287 2.16 16.90 -1.85
N TYR A 288 3.10 17.72 -1.39
CA TYR A 288 3.02 18.28 -0.05
C TYR A 288 1.71 19.08 0.08
N ARG A 289 1.38 19.85 -0.94
CA ARG A 289 0.11 20.61 -0.92
C ARG A 289 -1.17 19.76 -0.79
N ASN A 290 -1.24 18.61 -1.45
CA ASN A 290 -2.39 17.72 -1.26
C ASN A 290 -2.40 17.11 0.13
N TRP A 291 -1.22 16.71 0.61
CA TRP A 291 -1.10 16.19 1.98
C TRP A 291 -1.57 17.25 2.99
N LEU A 292 -1.28 18.52 2.71
CA LEU A 292 -1.74 19.61 3.57
C LEU A 292 -3.26 19.80 3.57
N GLY A 293 -3.87 19.80 2.39
CA GLY A 293 -5.31 19.93 2.26
C GLY A 293 -6.07 18.80 2.95
N LEU A 294 -5.54 17.57 2.83
CA LEU A 294 -6.14 16.42 3.49
C LEU A 294 -6.12 16.61 5.01
N ASN A 295 -4.95 16.95 5.54
CA ASN A 295 -4.82 17.19 6.98
C ASN A 295 -5.60 18.39 7.53
N LYS A 296 -5.75 19.44 6.72
CA LYS A 296 -6.56 20.59 7.14
C LYS A 296 -8.03 20.32 6.92
N GLY A 297 -8.32 19.28 6.14
CA GLY A 297 -9.67 18.91 5.81
C GLY A 297 -10.30 19.81 4.77
N ASP A 298 -9.47 20.60 4.08
CA ASP A 298 -10.00 21.52 3.08
C ASP A 298 -9.64 21.19 1.62
N LEU A 299 -9.01 20.03 1.38
CA LEU A 299 -8.73 19.63 0.01
C LEU A 299 -10.03 19.48 -0.79
N ALA A 300 -10.05 20.04 -1.99
CA ALA A 300 -11.20 19.94 -2.88
C ALA A 300 -10.71 19.86 -4.32
N ALA A 301 -11.13 18.81 -5.03
CA ALA A 301 -10.68 18.58 -6.40
C ALA A 301 -11.84 18.51 -7.39
N ARG A 312 -15.48 18.09 -5.30
CA ARG A 312 -15.56 17.02 -4.29
C ARG A 312 -14.78 17.38 -3.03
N VAL A 313 -15.34 17.04 -1.88
CA VAL A 313 -14.74 17.38 -0.59
C VAL A 313 -14.66 16.18 0.36
N LEU A 314 -14.18 16.42 1.59
CA LEU A 314 -14.05 15.39 2.62
C LEU A 314 -15.30 15.20 3.47
N ASN A 315 -15.59 13.95 3.82
CA ASN A 315 -16.79 13.58 4.59
C ASN A 315 -16.80 14.01 6.06
N ARG A 316 -18.01 14.22 6.59
CA ARG A 316 -18.19 14.44 8.03
C ARG A 316 -18.40 13.11 8.77
N ASP A 317 -18.38 13.16 10.10
CA ASP A 317 -18.64 11.98 10.88
C ASP A 317 -20.13 11.61 10.83
N ARG A 318 -20.43 10.35 11.14
CA ARG A 318 -21.77 9.83 10.98
C ARG A 318 -22.51 9.73 12.31
N ASN A 319 -23.71 10.28 12.34
CA ASN A 319 -24.53 10.31 13.56
C ASN A 319 -25.50 9.14 13.65
N TYR A 320 -25.63 8.59 14.86
CA TYR A 320 -26.51 7.47 15.08
C TYR A 320 -27.24 7.59 16.41
N THR A 321 -28.25 6.74 16.58
CA THR A 321 -28.93 6.60 17.86
C THR A 321 -28.58 5.22 18.44
N ALA A 322 -28.12 5.20 19.68
CA ALA A 322 -27.75 3.97 20.37
C ALA A 322 -29.00 3.11 20.58
N PRO A 323 -28.82 1.78 20.80
CA PRO A 323 -30.00 0.92 20.96
C PRO A 323 -31.00 1.45 22.00
N GLY A 324 -30.49 1.87 23.16
CA GLY A 324 -31.34 2.32 24.24
C GLY A 324 -31.95 3.69 24.07
N GLY A 325 -31.48 4.47 23.08
CA GLY A 325 -32.06 5.77 22.79
C GLY A 325 -31.13 6.98 22.76
N GLY A 326 -29.95 6.86 23.36
CA GLY A 326 -29.00 7.96 23.38
C GLY A 326 -28.32 8.20 22.03
N GLN A 327 -27.41 9.17 21.99
CA GLN A 327 -26.75 9.54 20.74
C GLN A 327 -25.27 9.20 20.74
N PHE A 328 -24.73 8.93 19.56
CA PHE A 328 -23.29 8.79 19.38
C PHE A 328 -22.86 9.09 17.95
N THR A 329 -21.55 9.11 17.73
CA THR A 329 -21.01 9.38 16.40
C THR A 329 -19.94 8.34 16.03
N LEU A 330 -19.74 8.14 14.73
CA LEU A 330 -18.66 7.27 14.27
C LEU A 330 -17.85 7.98 13.20
N PRO A 331 -16.53 7.69 13.15
CA PRO A 331 -15.63 8.28 12.15
C PRO A 331 -16.16 8.07 10.72
N GLY A 332 -16.11 9.13 9.93
CA GLY A 332 -16.62 9.08 8.57
C GLY A 332 -15.50 9.07 7.56
N ARG A 333 -14.27 9.09 8.05
CA ARG A 333 -13.10 9.14 7.17
C ARG A 333 -12.11 8.04 7.48
N SER A 334 -11.38 7.61 6.46
CA SER A 334 -10.27 6.71 6.65
C SER A 334 -9.17 7.40 7.45
N LEU A 335 -8.60 6.69 8.41
CA LEU A 335 -7.47 7.20 9.17
C LEU A 335 -6.22 7.16 8.27
N MET A 336 -5.54 8.30 8.15
CA MET A 336 -4.45 8.44 7.17
C MET A 336 -3.02 8.18 7.68
N PHE A 337 -2.29 7.39 6.93
CA PHE A 337 -0.85 7.25 7.05
C PHE A 337 -0.28 8.04 5.86
N VAL A 338 1.01 8.33 5.93
CA VAL A 338 1.73 8.79 4.75
C VAL A 338 2.90 7.84 4.55
N ARG A 339 3.17 7.46 3.31
CA ARG A 339 4.38 6.72 2.98
C ARG A 339 5.44 7.67 2.43
N ASN A 340 6.50 7.87 3.21
CA ASN A 340 7.63 8.68 2.76
C ASN A 340 8.45 7.88 1.77
N VAL A 341 9.30 8.53 0.98
CA VAL A 341 10.27 7.76 0.18
C VAL A 341 11.35 7.16 1.11
N GLY A 342 12.10 6.20 0.58
CA GLY A 342 13.13 5.53 1.36
C GLY A 342 14.49 6.21 1.36
N HIS A 343 15.51 5.49 1.83
CA HIS A 343 16.84 6.05 2.08
C HIS A 343 17.71 6.41 0.85
N LEU A 344 17.37 5.89 -0.33
CA LEU A 344 18.26 6.01 -1.50
C LEU A 344 18.33 7.39 -2.17
N MET A 345 17.17 7.97 -2.47
CA MET A 345 17.15 9.01 -3.50
C MET A 345 17.43 10.40 -2.95
N THR A 346 18.03 11.22 -3.80
CA THR A 346 18.19 12.63 -3.51
C THR A 346 17.20 13.36 -4.41
N ASN A 347 16.89 14.61 -4.08
CA ASN A 347 15.99 15.42 -4.89
C ASN A 347 16.48 16.86 -4.86
N ASP A 348 16.32 17.55 -5.98
CA ASP A 348 16.95 18.87 -6.12
C ASP A 348 16.08 19.98 -5.55
N ALA A 349 15.03 19.60 -4.82
CA ALA A 349 14.22 20.54 -4.08
C ALA A 349 15.11 21.36 -3.16
N ILE A 350 16.19 20.73 -2.72
CA ILE A 350 17.20 21.35 -1.88
C ILE A 350 18.54 20.81 -2.32
N VAL A 351 19.48 21.71 -2.53
CA VAL A 351 20.85 21.34 -2.84
C VAL A 351 21.76 22.03 -1.82
N ASP A 352 22.99 21.55 -1.64
CA ASP A 352 23.92 22.27 -0.79
C ASP A 352 24.76 23.25 -1.61
N THR A 353 25.71 23.95 -0.98
CA THR A 353 26.47 24.98 -1.66
C THR A 353 27.37 24.41 -2.78
N ASP A 354 27.70 23.12 -2.68
CA ASP A 354 28.45 22.46 -3.74
C ASP A 354 27.55 22.08 -4.92
N GLY A 355 26.25 22.12 -4.71
CA GLY A 355 25.29 21.75 -5.75
C GLY A 355 24.77 20.34 -5.55
N SER A 356 25.22 19.69 -4.48
CA SER A 356 24.78 18.33 -4.13
C SER A 356 23.33 18.28 -3.67
N GLU A 357 22.54 17.40 -4.28
CA GLU A 357 21.14 17.22 -3.91
C GLU A 357 21.00 16.61 -2.52
N VAL A 358 19.94 17.00 -1.80
CA VAL A 358 19.74 16.51 -0.45
C VAL A 358 18.94 15.19 -0.49
N PHE A 359 19.18 14.30 0.48
CA PHE A 359 18.39 13.06 0.60
C PHE A 359 16.90 13.30 0.79
N GLU A 360 16.11 12.63 -0.05
CA GLU A 360 14.69 12.89 -0.14
C GLU A 360 13.94 12.38 1.08
N GLY A 361 14.26 11.16 1.52
CA GLY A 361 13.73 10.63 2.76
C GLY A 361 13.84 11.56 3.96
N ILE A 362 15.00 12.20 4.12
CA ILE A 362 15.19 13.16 5.22
C ILE A 362 14.23 14.35 5.06
N MET A 363 14.16 14.91 3.86
CA MET A 363 13.24 16.00 3.59
C MET A 363 11.77 15.60 3.85
N ASP A 364 11.39 14.42 3.37
CA ASP A 364 10.03 13.92 3.56
C ASP A 364 9.68 13.84 5.04
N ALA A 365 10.63 13.40 5.84
CA ALA A 365 10.40 13.31 7.27
C ALA A 365 10.06 14.68 7.84
N LEU A 366 10.90 15.65 7.53
CA LEU A 366 10.69 17.02 7.94
C LEU A 366 9.38 17.62 7.43
N PHE A 367 9.12 17.51 6.14
CA PHE A 367 7.97 18.22 5.56
C PHE A 367 6.62 17.51 5.75
N THR A 368 6.55 16.21 5.52
CA THR A 368 5.29 15.50 5.79
C THR A 368 4.94 15.50 7.29
N GLY A 369 5.95 15.47 8.13
CA GLY A 369 5.74 15.59 9.56
C GLY A 369 5.26 16.98 10.01
N LEU A 370 5.86 18.03 9.46
CA LEU A 370 5.38 19.39 9.72
C LEU A 370 3.91 19.50 9.32
N ILE A 371 3.63 19.09 8.09
CA ILE A 371 2.30 19.12 7.53
C ILE A 371 1.25 18.30 8.31
N ALA A 372 1.66 17.13 8.79
CA ALA A 372 0.80 16.28 9.61
C ALA A 372 0.32 16.94 10.91
N ILE A 373 1.03 17.96 11.39
CA ILE A 373 0.57 18.67 12.59
C ILE A 373 -0.86 19.19 12.40
N HIS A 374 -1.18 19.60 11.18
CA HIS A 374 -2.50 20.14 10.88
C HIS A 374 -3.64 19.14 11.08
N GLY A 375 -3.34 17.86 10.89
CA GLY A 375 -4.32 16.79 11.07
C GLY A 375 -4.50 16.46 12.54
N LEU A 376 -3.66 17.06 13.37
CA LEU A 376 -3.75 16.87 14.81
C LEU A 376 -4.56 17.97 15.49
N LYS A 377 -5.05 18.92 14.71
CA LYS A 377 -5.88 19.99 15.26
C LYS A 377 -7.11 20.27 14.43
N ALA A 378 -8.01 21.05 15.01
CA ALA A 378 -9.30 21.37 14.41
C ALA A 378 -9.17 21.85 12.97
N SER A 379 -10.02 21.29 12.11
CA SER A 379 -10.09 21.69 10.70
C SER A 379 -10.88 22.99 10.56
N ASP A 380 -11.99 22.93 9.84
CA ASP A 380 -12.83 24.11 9.63
C ASP A 380 -14.26 23.85 10.08
N GLY A 383 -15.88 21.94 13.34
CA GLY A 383 -14.92 21.25 12.49
C GLY A 383 -13.91 20.46 13.30
N PRO A 384 -14.37 19.30 13.90
CA PRO A 384 -13.35 18.57 14.67
C PRO A 384 -12.12 18.26 13.82
N LEU A 385 -11.01 17.93 14.49
CA LEU A 385 -9.76 17.63 13.80
C LEU A 385 -9.91 16.44 12.83
N ILE A 386 -9.06 16.43 11.82
CA ILE A 386 -9.20 15.49 10.71
C ILE A 386 -8.74 14.07 10.97
N ASN A 387 -7.57 13.91 11.60
CA ASN A 387 -6.91 12.60 11.64
C ASN A 387 -6.81 11.99 13.04
N SER A 388 -5.60 11.91 13.58
CA SER A 388 -5.34 11.18 14.81
C SER A 388 -5.76 11.89 16.11
N ARG A 389 -6.77 11.34 16.79
CA ARG A 389 -7.21 11.93 18.06
C ARG A 389 -6.26 11.58 19.21
N THR A 390 -5.45 10.54 19.03
CA THR A 390 -4.51 10.15 20.10
C THR A 390 -3.16 10.87 20.03
N GLY A 391 -2.97 11.72 19.01
CA GLY A 391 -1.77 12.52 18.91
C GLY A 391 -0.60 11.95 18.12
N SER A 392 -0.87 10.95 17.27
CA SER A 392 0.22 10.30 16.52
C SER A 392 0.28 10.75 15.08
N ILE A 393 1.47 10.66 14.50
CA ILE A 393 1.67 10.83 13.07
C ILE A 393 2.16 9.49 12.53
N TYR A 394 1.51 8.97 11.52
CA TYR A 394 1.81 7.61 11.04
C TYR A 394 2.58 7.60 9.71
N ILE A 395 3.85 7.24 9.77
CA ILE A 395 4.69 7.26 8.58
C ILE A 395 5.13 5.87 8.14
N VAL A 396 4.75 5.48 6.93
CA VAL A 396 5.20 4.20 6.38
C VAL A 396 6.54 4.41 5.68
N LYS A 397 7.53 3.61 6.09
CA LYS A 397 8.90 3.78 5.59
C LYS A 397 9.32 2.58 4.72
N PRO A 398 9.39 2.78 3.41
CA PRO A 398 9.69 1.69 2.47
C PRO A 398 11.18 1.42 2.31
N LYS A 399 11.47 0.24 1.77
CA LYS A 399 12.79 -0.12 1.24
C LYS A 399 13.96 -0.02 2.21
N MET A 400 13.71 -0.34 3.47
CA MET A 400 14.79 -0.40 4.43
C MET A 400 15.47 -1.75 4.42
N HIS A 401 16.78 -1.74 4.64
CA HIS A 401 17.57 -2.96 4.62
C HIS A 401 18.19 -3.17 5.98
N GLY A 402 17.53 -3.93 6.85
CA GLY A 402 18.14 -4.36 8.10
C GLY A 402 17.98 -3.38 9.27
N PRO A 403 18.31 -3.82 10.49
CA PRO A 403 18.04 -3.06 11.72
C PRO A 403 18.80 -1.75 11.91
N ALA A 404 20.01 -1.61 11.36
CA ALA A 404 20.70 -0.31 11.40
C ALA A 404 19.96 0.77 10.61
N GLU A 405 19.35 0.40 9.48
CA GLU A 405 18.57 1.36 8.70
C GLU A 405 17.26 1.74 9.41
N VAL A 406 16.64 0.80 10.11
CA VAL A 406 15.46 1.11 10.92
C VAL A 406 15.83 2.05 12.08
N ALA A 407 16.93 1.72 12.74
CA ALA A 407 17.46 2.55 13.81
C ALA A 407 17.69 3.97 13.33
N PHE A 408 18.23 4.12 12.11
CA PHE A 408 18.46 5.44 11.51
C PHE A 408 17.17 6.24 11.28
N THR A 409 16.13 5.57 10.78
CA THR A 409 14.84 6.21 10.53
C THR A 409 14.22 6.68 11.84
N CYS A 410 14.35 5.85 12.88
CA CYS A 410 13.92 6.23 14.22
C CYS A 410 14.69 7.46 14.75
N GLU A 411 16.00 7.47 14.57
CA GLU A 411 16.78 8.64 14.97
C GLU A 411 16.37 9.89 14.16
N LEU A 412 16.17 9.71 12.86
CA LEU A 412 15.60 10.77 12.02
C LEU A 412 14.27 11.30 12.56
N PHE A 413 13.35 10.40 12.90
CA PHE A 413 12.04 10.84 13.40
C PHE A 413 12.20 11.61 14.73
N SER A 414 13.13 11.15 15.57
CA SER A 414 13.42 11.76 16.86
C SER A 414 13.93 13.20 16.73
N ARG A 415 14.87 13.41 15.82
CA ARG A 415 15.38 14.74 15.49
C ARG A 415 14.32 15.66 14.88
N VAL A 416 13.46 15.11 14.01
CA VAL A 416 12.35 15.90 13.44
C VAL A 416 11.37 16.34 14.51
N GLU A 417 11.05 15.41 15.42
CA GLU A 417 10.18 15.71 16.57
C GLU A 417 10.67 16.94 17.36
N ASP A 418 11.97 16.98 17.66
CA ASP A 418 12.58 18.13 18.31
C ASP A 418 12.31 19.43 17.57
N VAL A 419 12.70 19.46 16.30
CA VAL A 419 12.51 20.62 15.43
C VAL A 419 11.07 21.12 15.47
N LEU A 420 10.14 20.18 15.44
CA LEU A 420 8.73 20.49 15.36
C LEU A 420 8.07 20.73 16.73
N GLY A 421 8.84 20.53 17.79
CA GLY A 421 8.31 20.71 19.14
C GLY A 421 7.26 19.68 19.50
N LEU A 422 7.39 18.49 18.93
CA LEU A 422 6.48 17.40 19.23
C LEU A 422 7.09 16.49 20.30
N PRO A 423 6.25 15.84 21.10
CA PRO A 423 6.83 14.92 22.09
C PRO A 423 7.46 13.71 21.39
N GLN A 424 8.51 13.16 21.99
CA GLN A 424 9.20 12.02 21.43
C GLN A 424 8.23 10.87 21.17
N ASN A 425 8.46 10.17 20.05
CA ASN A 425 7.64 9.05 19.62
C ASN A 425 6.24 9.42 19.09
N THR A 426 6.02 10.70 18.79
CA THR A 426 4.79 11.13 18.13
C THR A 426 4.75 10.52 16.73
N MET A 427 5.90 10.53 16.09
CA MET A 427 6.06 9.98 14.75
C MET A 427 6.25 8.47 14.79
N LYS A 428 5.18 7.76 14.42
CA LYS A 428 5.15 6.30 14.41
C LYS A 428 5.60 5.75 13.08
N ILE A 429 6.12 4.52 13.08
CA ILE A 429 6.65 3.97 11.83
C ILE A 429 5.89 2.72 11.37
N GLY A 430 5.63 2.65 10.07
CA GLY A 430 5.20 1.40 9.45
C GLY A 430 6.40 0.81 8.74
N ILE A 431 6.85 -0.34 9.23
CA ILE A 431 8.00 -0.99 8.63
C ILE A 431 7.56 -1.91 7.52
N MET A 432 7.91 -1.55 6.30
CA MET A 432 7.71 -2.46 5.17
C MET A 432 8.82 -3.47 5.21
N ASP A 433 8.44 -4.75 5.19
CA ASP A 433 9.35 -5.88 5.06
C ASP A 433 9.29 -6.23 3.57
N GLU A 434 10.19 -5.62 2.81
CA GLU A 434 10.18 -5.76 1.36
C GLU A 434 11.60 -5.87 0.81
N GLU A 435 12.55 -6.08 1.71
CA GLU A 435 13.93 -6.34 1.32
C GLU A 435 14.43 -7.56 2.09
N ARG A 436 15.30 -8.33 1.47
CA ARG A 436 15.76 -9.58 2.04
C ARG A 436 16.50 -9.40 3.37
N ARG A 437 17.34 -8.38 3.46
CA ARG A 437 18.12 -8.16 4.67
C ARG A 437 17.24 -7.77 5.87
N THR A 438 16.11 -7.15 5.59
CA THR A 438 15.11 -6.95 6.64
C THR A 438 14.42 -8.27 7.01
N THR A 439 13.94 -8.99 6.00
CA THR A 439 13.28 -10.28 6.21
C THR A 439 14.04 -11.20 7.16
N VAL A 440 15.32 -11.45 6.88
CA VAL A 440 16.09 -12.38 7.69
C VAL A 440 16.56 -11.78 9.03
N ASN A 441 16.33 -10.48 9.23
CA ASN A 441 16.66 -9.81 10.49
C ASN A 441 15.43 -9.13 11.12
N LEU A 442 14.25 -9.65 10.80
CA LEU A 442 12.99 -8.95 11.08
C LEU A 442 12.74 -8.64 12.56
N LYS A 443 12.98 -9.61 13.43
CA LYS A 443 12.78 -9.42 14.86
C LYS A 443 13.61 -8.24 15.36
N ALA A 444 14.86 -8.20 14.89
CA ALA A 444 15.78 -7.10 15.23
C ALA A 444 15.30 -5.75 14.67
N CYS A 445 14.73 -5.77 13.47
CA CYS A 445 14.17 -4.57 12.87
C CYS A 445 12.99 -4.05 13.69
N ILE A 446 12.11 -4.96 14.10
CA ILE A 446 11.01 -4.59 15.00
C ILE A 446 11.55 -4.02 16.34
N LYS A 447 12.52 -4.70 16.92
CA LYS A 447 13.14 -4.23 18.17
C LYS A 447 13.76 -2.83 18.08
N ALA A 448 14.39 -2.56 16.95
CA ALA A 448 15.00 -1.25 16.71
C ALA A 448 13.94 -0.14 16.82
N ALA A 449 12.70 -0.48 16.52
CA ALA A 449 11.61 0.49 16.51
C ALA A 449 10.54 0.13 17.53
N ALA A 450 10.94 -0.48 18.65
CA ALA A 450 9.93 -1.09 19.53
C ALA A 450 8.98 -0.10 20.19
N ASP A 451 9.37 1.19 20.22
CA ASP A 451 8.50 2.22 20.79
C ASP A 451 7.79 3.06 19.70
N ARG A 452 8.00 2.73 18.44
CA ARG A 452 7.43 3.52 17.36
C ARG A 452 6.60 2.71 16.39
N VAL A 453 6.79 1.40 16.39
CA VAL A 453 6.20 0.61 15.32
C VAL A 453 4.69 0.44 15.49
N VAL A 454 3.96 0.74 14.41
CA VAL A 454 2.52 0.51 14.38
C VAL A 454 2.09 -0.46 13.28
N PHE A 455 2.99 -0.79 12.36
CA PHE A 455 2.75 -1.96 11.51
C PHE A 455 3.98 -2.57 10.87
N ILE A 456 3.80 -3.83 10.45
CA ILE A 456 4.69 -4.43 9.47
C ILE A 456 3.85 -4.96 8.34
N ASN A 457 4.46 -5.11 7.16
CA ASN A 457 3.74 -5.72 6.08
C ASN A 457 4.64 -6.35 5.02
N THR A 458 4.05 -7.22 4.22
CA THR A 458 4.72 -7.90 3.11
C THR A 458 4.02 -7.58 1.77
N GLY A 459 4.60 -8.10 0.69
CA GLY A 459 4.14 -7.83 -0.66
C GLY A 459 4.85 -8.77 -1.60
N PHE A 460 4.58 -8.65 -2.89
CA PHE A 460 5.18 -9.54 -3.88
C PHE A 460 6.26 -8.83 -4.70
N LEU A 461 5.92 -7.67 -5.24
CA LEU A 461 6.71 -7.10 -6.31
C LEU A 461 8.10 -6.65 -5.85
N ASP A 462 8.18 -5.77 -4.85
CA ASP A 462 9.47 -5.20 -4.41
C ASP A 462 10.40 -6.27 -3.84
N ARG A 463 9.86 -7.09 -2.93
CA ARG A 463 10.66 -8.09 -2.23
C ARG A 463 11.23 -9.11 -3.20
N THR A 464 10.47 -9.43 -4.25
CA THR A 464 10.94 -10.35 -5.30
C THR A 464 12.05 -9.72 -6.13
N GLY A 465 11.89 -8.45 -6.49
CA GLY A 465 12.97 -7.69 -7.08
C GLY A 465 14.26 -7.78 -6.27
N ASP A 466 14.17 -7.60 -4.96
CA ASP A 466 15.37 -7.71 -4.13
C ASP A 466 15.91 -9.14 -4.12
N GLU A 467 15.01 -10.14 -4.13
CA GLU A 467 15.42 -11.54 -4.17
C GLU A 467 16.26 -11.80 -5.43
N ILE A 468 15.76 -11.37 -6.56
CA ILE A 468 16.49 -11.57 -7.81
C ILE A 468 17.86 -10.86 -7.84
N HIS A 469 17.89 -9.62 -7.38
CA HIS A 469 19.12 -8.84 -7.48
C HIS A 469 20.19 -9.38 -6.58
N THR A 470 19.79 -9.71 -5.36
CA THR A 470 20.72 -10.21 -4.34
C THR A 470 21.43 -11.47 -4.83
N SER A 471 20.70 -12.37 -5.47
CA SER A 471 21.28 -13.63 -5.91
C SER A 471 21.50 -13.67 -7.43
N MET A 472 21.63 -12.48 -8.00
CA MET A 472 21.78 -12.30 -9.44
C MET A 472 22.88 -13.18 -10.07
N GLU A 473 24.03 -13.24 -9.40
CA GLU A 473 25.16 -14.06 -9.87
C GLU A 473 24.98 -15.59 -9.69
N ALA A 474 24.01 -16.02 -8.89
CA ALA A 474 23.82 -17.44 -8.60
C ALA A 474 23.45 -18.29 -9.84
N GLY A 475 22.60 -17.75 -10.69
CA GLY A 475 22.17 -18.44 -11.90
C GLY A 475 20.81 -17.92 -12.28
N PRO A 476 20.22 -18.48 -13.35
CA PRO A 476 18.90 -18.11 -13.89
C PRO A 476 17.79 -18.36 -12.90
N MET A 477 16.89 -17.38 -12.77
CA MET A 477 15.77 -17.47 -11.85
C MET A 477 14.52 -18.00 -12.54
N VAL A 478 13.60 -18.54 -11.75
CA VAL A 478 12.29 -18.93 -12.27
C VAL A 478 11.53 -17.71 -12.79
N ARG A 479 10.54 -17.98 -13.65
CA ARG A 479 9.68 -16.95 -14.20
C ARG A 479 8.95 -16.15 -13.12
N LYS A 480 8.56 -14.92 -13.47
CA LYS A 480 7.86 -14.01 -12.56
C LYS A 480 6.61 -14.62 -11.91
N GLY A 481 5.71 -15.16 -12.74
CA GLY A 481 4.51 -15.83 -12.25
C GLY A 481 4.82 -17.00 -11.31
N THR A 482 5.97 -17.64 -11.50
CA THR A 482 6.41 -18.75 -10.64
C THR A 482 6.85 -18.27 -9.25
N MET A 483 7.47 -17.09 -9.22
CA MET A 483 8.00 -16.52 -7.99
C MET A 483 6.98 -16.50 -6.87
N LYS A 484 5.71 -16.34 -7.22
CA LYS A 484 4.68 -16.07 -6.23
C LYS A 484 4.38 -17.29 -5.34
N SER A 485 4.84 -18.46 -5.78
CA SER A 485 4.54 -19.69 -5.06
C SER A 485 5.82 -20.41 -4.65
N GLN A 486 6.96 -19.75 -4.83
CA GLN A 486 8.27 -20.28 -4.42
C GLN A 486 8.35 -20.44 -2.91
N PRO A 487 9.13 -21.43 -2.44
CA PRO A 487 9.33 -21.66 -1.01
C PRO A 487 9.82 -20.42 -0.26
N TRP A 488 10.75 -19.63 -0.82
CA TRP A 488 11.27 -18.48 -0.08
C TRP A 488 10.16 -17.49 0.27
N ILE A 489 9.27 -17.22 -0.67
CA ILE A 489 8.24 -16.19 -0.48
C ILE A 489 7.12 -16.64 0.45
N LEU A 490 6.82 -17.92 0.43
CA LEU A 490 5.80 -18.46 1.31
C LEU A 490 6.34 -18.47 2.75
N ALA A 491 7.62 -18.76 2.90
CA ALA A 491 8.26 -18.67 4.21
C ALA A 491 8.35 -17.21 4.66
N TYR A 492 8.74 -16.33 3.73
CA TYR A 492 8.74 -14.89 3.98
C TYR A 492 7.42 -14.40 4.57
N GLU A 493 6.30 -14.82 3.98
CA GLU A 493 4.99 -14.36 4.44
C GLU A 493 4.66 -14.84 5.86
N ASP A 494 4.81 -16.14 6.11
CA ASP A 494 4.55 -16.70 7.45
C ASP A 494 5.51 -16.15 8.52
N HIS A 495 6.79 -16.02 8.16
CA HIS A 495 7.79 -15.48 9.06
C HIS A 495 7.46 -14.04 9.53
N ASN A 496 6.92 -13.24 8.63
CA ASN A 496 6.48 -11.86 8.94
C ASN A 496 5.36 -11.82 9.98
N VAL A 497 4.32 -12.60 9.75
CA VAL A 497 3.25 -12.76 10.75
C VAL A 497 3.76 -13.28 12.10
N ASP A 498 4.55 -14.35 12.08
CA ASP A 498 5.16 -14.91 13.29
C ASP A 498 5.94 -13.86 14.07
N ALA A 499 6.76 -13.08 13.37
CA ALA A 499 7.60 -12.08 14.05
C ALA A 499 6.71 -11.07 14.73
N GLY A 500 5.71 -10.57 14.01
CA GLY A 500 4.81 -9.58 14.57
C GLY A 500 4.09 -10.08 15.81
N LEU A 501 3.50 -11.26 15.71
CA LEU A 501 2.71 -11.80 16.81
C LEU A 501 3.57 -12.06 18.03
N ALA A 502 4.76 -12.60 17.80
CA ALA A 502 5.73 -12.81 18.88
C ALA A 502 6.20 -11.49 19.50
N ALA A 503 6.12 -10.39 18.75
CA ALA A 503 6.50 -9.10 19.33
C ALA A 503 5.31 -8.43 20.00
N GLY A 504 4.16 -9.11 20.01
CA GLY A 504 2.99 -8.59 20.70
C GLY A 504 2.06 -7.73 19.87
N PHE A 505 2.16 -7.81 18.55
CA PHE A 505 1.38 -6.95 17.67
C PHE A 505 -0.13 -7.09 17.86
N SER A 506 -0.59 -8.28 18.20
CA SER A 506 -2.02 -8.52 18.41
C SER A 506 -2.55 -7.57 19.49
N GLY A 507 -3.46 -6.70 19.10
CA GLY A 507 -3.98 -5.69 20.00
C GLY A 507 -3.15 -4.43 20.10
N ARG A 508 -2.02 -4.38 19.40
CA ARG A 508 -1.12 -3.22 19.45
C ARG A 508 -0.74 -2.62 18.09
N ALA A 509 -0.62 -3.47 17.06
CA ALA A 509 -0.10 -2.99 15.79
C ALA A 509 -0.59 -3.82 14.62
N GLN A 510 -0.55 -3.25 13.42
CA GLN A 510 -1.09 -3.96 12.26
C GLN A 510 -0.08 -4.97 11.73
N VAL A 511 -0.57 -6.15 11.36
CA VAL A 511 0.21 -7.11 10.61
C VAL A 511 -0.46 -7.19 9.25
N GLY A 512 0.22 -6.72 8.22
CA GLY A 512 -0.41 -6.53 6.93
C GLY A 512 0.14 -7.39 5.80
N LYS A 513 -0.68 -7.60 4.79
CA LYS A 513 -0.20 -8.29 3.59
C LYS A 513 -0.48 -7.47 2.33
N GLY A 514 -0.01 -7.99 1.20
CA GLY A 514 0.11 -7.24 -0.04
C GLY A 514 -1.11 -6.88 -0.88
N MET A 515 -0.85 -6.12 -1.93
CA MET A 515 -1.89 -5.55 -2.78
C MET A 515 -2.49 -6.56 -3.75
N TRP A 516 -3.81 -6.51 -3.90
CA TRP A 516 -4.47 -7.15 -5.03
C TRP A 516 -4.41 -6.19 -6.23
N THR A 517 -3.68 -6.58 -7.26
CA THR A 517 -3.43 -5.67 -8.38
C THR A 517 -4.44 -5.78 -9.53
N MET A 518 -5.17 -6.89 -9.60
CA MET A 518 -6.11 -7.13 -10.70
C MET A 518 -7.44 -6.44 -10.45
N THR A 519 -7.51 -5.20 -10.89
CA THR A 519 -8.59 -4.30 -10.49
C THR A 519 -9.99 -4.73 -10.90
N GLU A 520 -10.12 -5.42 -12.02
CA GLU A 520 -11.44 -5.80 -12.50
C GLU A 520 -11.81 -7.25 -12.19
N LEU A 521 -10.85 -8.01 -11.67
CA LEU A 521 -11.10 -9.39 -11.28
C LEU A 521 -11.51 -9.48 -9.81
N MET A 522 -12.67 -8.90 -9.49
CA MET A 522 -13.16 -8.87 -8.14
C MET A 522 -13.74 -10.21 -7.64
N ALA A 523 -14.33 -10.99 -8.55
CA ALA A 523 -14.82 -12.32 -8.18
C ALA A 523 -13.67 -13.17 -7.71
N ASP A 524 -12.59 -13.12 -8.47
CA ASP A 524 -11.37 -13.82 -8.09
C ASP A 524 -10.81 -13.26 -6.79
N MET A 525 -10.90 -11.94 -6.60
CA MET A 525 -10.40 -11.37 -5.36
C MET A 525 -11.16 -11.92 -4.16
N VAL A 526 -12.49 -11.93 -4.29
CA VAL A 526 -13.36 -12.34 -3.20
C VAL A 526 -13.10 -13.79 -2.84
N GLU A 527 -12.85 -14.62 -3.87
CA GLU A 527 -12.56 -16.04 -3.67
C GLU A 527 -11.20 -16.29 -2.99
N THR A 528 -10.15 -15.58 -3.41
CA THR A 528 -8.80 -15.93 -2.97
C THR A 528 -8.13 -15.03 -1.90
N LYS A 529 -8.47 -13.74 -1.86
CA LYS A 529 -7.82 -12.81 -0.91
C LYS A 529 -8.19 -13.12 0.55
N ILE A 530 -9.19 -13.98 0.75
CA ILE A 530 -9.56 -14.43 2.09
C ILE A 530 -8.42 -15.18 2.79
N ALA A 531 -7.48 -15.71 2.00
CA ALA A 531 -6.33 -16.39 2.58
C ALA A 531 -5.53 -15.46 3.49
N GLN A 532 -5.56 -14.16 3.21
CA GLN A 532 -4.73 -13.24 3.99
C GLN A 532 -5.17 -13.09 5.45
N PRO A 533 -6.44 -12.72 5.71
CA PRO A 533 -6.85 -12.72 7.12
C PRO A 533 -6.78 -14.13 7.74
N ARG A 534 -7.03 -15.19 6.96
CA ARG A 534 -6.93 -16.55 7.48
C ARG A 534 -5.51 -16.84 7.94
N ALA A 535 -4.54 -16.12 7.38
CA ALA A 535 -3.15 -16.27 7.77
C ALA A 535 -2.77 -15.32 8.91
N GLY A 536 -3.76 -14.62 9.46
CA GLY A 536 -3.54 -13.79 10.63
C GLY A 536 -3.15 -12.34 10.34
N ALA A 537 -3.34 -11.90 9.10
CA ALA A 537 -3.10 -10.50 8.76
C ALA A 537 -4.27 -9.63 9.22
N SER A 538 -3.98 -8.64 10.07
CA SER A 538 -5.03 -7.73 10.51
C SER A 538 -5.44 -6.76 9.40
N THR A 539 -4.62 -6.66 8.37
CA THR A 539 -4.96 -5.77 7.26
C THR A 539 -4.31 -6.22 5.99
N ALA A 540 -4.89 -5.84 4.86
CA ALA A 540 -4.24 -6.06 3.58
C ALA A 540 -4.57 -4.92 2.63
N TRP A 541 -3.75 -4.78 1.59
CA TRP A 541 -3.85 -3.67 0.63
C TRP A 541 -4.82 -3.93 -0.52
N VAL A 542 -5.68 -2.95 -0.77
CA VAL A 542 -6.64 -2.98 -1.89
C VAL A 542 -6.44 -1.75 -2.79
N PRO A 543 -6.75 -1.89 -4.08
CA PRO A 543 -6.42 -0.86 -5.08
C PRO A 543 -7.50 0.21 -5.29
N SER A 544 -8.68 0.03 -4.71
CA SER A 544 -9.77 0.98 -4.90
C SER A 544 -10.78 0.94 -3.75
N PRO A 545 -11.52 2.03 -3.53
CA PRO A 545 -12.64 1.95 -2.58
C PRO A 545 -13.60 0.80 -2.86
N THR A 546 -13.88 0.50 -4.13
CA THR A 546 -14.74 -0.64 -4.48
C THR A 546 -14.17 -1.95 -3.97
N ALA A 547 -12.87 -2.15 -4.19
CA ALA A 547 -12.20 -3.34 -3.69
C ALA A 547 -12.13 -3.40 -2.16
N ALA A 548 -12.00 -2.23 -1.51
CA ALA A 548 -12.01 -2.17 -0.05
C ALA A 548 -13.31 -2.78 0.50
N THR A 549 -14.43 -2.41 -0.12
CA THR A 549 -15.75 -2.85 0.34
C THR A 549 -15.88 -4.38 0.22
N LEU A 550 -15.35 -4.91 -0.87
CA LEU A 550 -15.46 -6.35 -1.15
C LEU A 550 -14.53 -7.13 -0.22
N HIS A 551 -13.31 -6.64 -0.04
CA HIS A 551 -12.38 -7.23 0.88
C HIS A 551 -12.89 -7.18 2.35
N ALA A 552 -13.72 -6.19 2.68
CA ALA A 552 -14.28 -6.11 4.03
C ALA A 552 -15.10 -7.37 4.35
N LEU A 553 -15.73 -7.96 3.34
CA LEU A 553 -16.44 -9.24 3.47
C LEU A 553 -15.60 -10.32 4.14
N HIS A 554 -14.31 -10.34 3.80
CA HIS A 554 -13.42 -11.36 4.30
C HIS A 554 -13.20 -11.26 5.81
N TYR A 555 -13.27 -10.03 6.32
CA TYR A 555 -13.03 -9.77 7.72
C TYR A 555 -14.30 -10.06 8.51
N HIS A 556 -15.42 -10.11 7.82
CA HIS A 556 -16.64 -10.61 8.45
C HIS A 556 -16.66 -12.14 8.53
N GLN A 557 -16.07 -12.82 7.54
CA GLN A 557 -16.05 -14.28 7.54
C GLN A 557 -14.97 -14.87 8.46
N VAL A 558 -13.87 -14.13 8.64
CA VAL A 558 -12.73 -14.60 9.40
C VAL A 558 -12.51 -13.76 10.66
N ASP A 559 -12.39 -14.44 11.80
CA ASP A 559 -12.14 -13.75 13.05
C ASP A 559 -10.65 -13.57 13.21
N VAL A 560 -10.10 -12.48 12.69
CA VAL A 560 -8.65 -12.31 12.68
C VAL A 560 -8.04 -12.40 14.08
N ALA A 561 -8.73 -11.83 15.08
CA ALA A 561 -8.20 -11.79 16.44
C ALA A 561 -7.97 -13.20 16.96
N ALA A 562 -8.97 -14.06 16.79
CA ALA A 562 -8.88 -15.47 17.12
C ALA A 562 -7.78 -16.17 16.31
N VAL A 563 -7.66 -15.84 15.03
CA VAL A 563 -6.61 -16.44 14.20
C VAL A 563 -5.25 -16.13 14.79
N GLN A 564 -5.04 -14.87 15.16
CA GLN A 564 -3.75 -14.46 15.69
C GLN A 564 -3.45 -15.17 17.01
N GLN A 565 -4.46 -15.27 17.87
CA GLN A 565 -4.32 -15.95 19.17
C GLN A 565 -3.95 -17.43 18.99
N GLY A 566 -4.44 -18.04 17.91
CA GLY A 566 -4.10 -19.42 17.58
C GLY A 566 -2.68 -19.62 17.04
N LEU A 567 -2.14 -18.61 16.37
CA LEU A 567 -0.79 -18.70 15.80
C LEU A 567 0.28 -18.43 16.87
N ALA A 568 -0.18 -17.91 18.01
CA ALA A 568 0.70 -17.54 19.14
C ALA A 568 1.77 -18.58 19.44
N GLY A 569 3.02 -18.14 19.37
CA GLY A 569 4.15 -18.99 19.74
C GLY A 569 4.63 -19.95 18.66
N LYS A 570 3.96 -20.01 17.52
CA LYS A 570 4.38 -20.90 16.43
C LYS A 570 5.62 -20.37 15.68
N ARG A 571 6.51 -21.27 15.33
CA ARG A 571 7.63 -20.96 14.42
C ARG A 571 7.47 -21.76 13.13
N ARG A 572 6.87 -21.14 12.12
CA ARG A 572 6.44 -21.89 10.94
C ARG A 572 7.34 -21.71 9.71
N ALA A 573 8.36 -20.87 9.84
CA ALA A 573 9.40 -20.80 8.82
C ALA A 573 10.79 -20.77 9.44
N THR A 574 11.74 -21.42 8.78
CA THR A 574 13.12 -21.42 9.22
C THR A 574 13.95 -20.43 8.43
N ILE A 575 15.10 -20.06 8.97
CA ILE A 575 16.04 -19.23 8.24
C ILE A 575 16.45 -19.90 6.92
N GLU A 576 16.66 -21.22 6.96
CA GLU A 576 16.96 -22.00 5.75
C GLU A 576 15.96 -21.74 4.66
N GLN A 577 14.68 -21.86 5.01
CA GLN A 577 13.58 -21.65 4.08
C GLN A 577 13.59 -20.22 3.52
N LEU A 578 13.86 -19.23 4.37
CA LEU A 578 13.92 -17.83 3.92
C LEU A 578 15.02 -17.67 2.87
N LEU A 579 16.14 -18.34 3.11
CA LEU A 579 17.31 -18.29 2.24
C LEU A 579 17.29 -19.19 1.00
N THR A 580 16.18 -19.87 0.73
CA THR A 580 16.11 -20.75 -0.45
C THR A 580 15.99 -19.96 -1.76
N ILE A 581 17.12 -19.75 -2.44
CA ILE A 581 17.18 -18.99 -3.69
C ILE A 581 16.33 -19.60 -4.80
N PRO A 582 15.48 -18.79 -5.46
CA PRO A 582 14.56 -19.32 -6.48
C PRO A 582 15.22 -19.59 -7.85
N LEU A 583 16.27 -20.38 -7.86
CA LEU A 583 16.97 -20.78 -9.08
C LEU A 583 16.14 -21.75 -9.93
N ALA A 584 16.14 -21.54 -11.25
CA ALA A 584 15.48 -22.46 -12.16
C ALA A 584 16.25 -23.79 -12.22
N LYS A 585 15.53 -24.88 -12.45
CA LYS A 585 16.13 -26.19 -12.58
C LYS A 585 16.56 -26.44 -14.01
N GLU A 586 17.23 -27.58 -14.22
CA GLU A 586 17.78 -27.96 -15.52
C GLU A 586 16.74 -27.93 -16.65
N LEU A 587 16.98 -27.07 -17.64
CA LEU A 587 16.18 -27.01 -18.87
C LEU A 587 14.68 -26.85 -18.62
N ALA A 588 14.32 -25.89 -17.79
CA ALA A 588 12.93 -25.77 -17.33
C ALA A 588 11.90 -25.34 -18.40
N TRP A 589 12.38 -24.70 -19.47
CA TRP A 589 11.47 -24.03 -20.40
C TRP A 589 11.67 -24.37 -21.87
N ALA A 590 10.57 -24.45 -22.61
CA ALA A 590 10.58 -24.55 -24.06
C ALA A 590 10.88 -23.19 -24.65
N PRO A 591 11.31 -23.14 -25.92
CA PRO A 591 11.56 -21.84 -26.54
C PRO A 591 10.36 -20.90 -26.49
N ASP A 592 9.13 -21.40 -26.67
CA ASP A 592 7.97 -20.50 -26.68
C ASP A 592 7.64 -19.94 -25.29
N GLU A 593 7.89 -20.71 -24.25
CA GLU A 593 7.68 -20.22 -22.89
C GLU A 593 8.70 -19.13 -22.53
N ILE A 594 9.91 -19.26 -23.06
CA ILE A 594 10.92 -18.22 -22.84
C ILE A 594 10.48 -16.91 -23.51
N ARG A 595 9.95 -17.02 -24.72
CA ARG A 595 9.52 -15.85 -25.48
C ARG A 595 8.32 -15.15 -24.82
N GLU A 596 7.39 -15.97 -24.33
CA GLU A 596 6.23 -15.47 -23.59
C GLU A 596 6.65 -14.67 -22.36
N GLU A 597 7.61 -15.19 -21.61
CA GLU A 597 8.07 -14.51 -20.39
C GLU A 597 8.78 -13.20 -20.72
N VAL A 598 9.64 -13.24 -21.73
CA VAL A 598 10.28 -12.02 -22.22
C VAL A 598 9.24 -10.96 -22.63
N ASP A 599 8.31 -11.35 -23.50
CA ASP A 599 7.21 -10.49 -23.92
C ASP A 599 6.41 -9.93 -22.74
N ASN A 600 6.06 -10.81 -21.80
CA ASN A 600 5.37 -10.39 -20.58
C ASN A 600 6.10 -9.28 -19.83
N ASN A 601 7.40 -9.46 -19.61
CA ASN A 601 8.18 -8.52 -18.82
C ASN A 601 8.46 -7.21 -19.57
N CYS A 602 8.71 -7.31 -20.88
CA CYS A 602 8.93 -6.13 -21.71
C CYS A 602 7.66 -5.29 -21.81
N GLN A 603 6.52 -5.95 -21.95
CA GLN A 603 5.25 -5.23 -21.95
C GLN A 603 4.97 -4.54 -20.60
N SER A 604 5.24 -5.23 -19.49
CA SER A 604 4.96 -4.61 -18.19
C SER A 604 5.84 -3.38 -17.96
N ILE A 605 7.09 -3.44 -18.40
CA ILE A 605 8.00 -2.30 -18.31
C ILE A 605 7.53 -1.15 -19.21
N LEU A 606 7.30 -1.45 -20.49
CA LEU A 606 6.84 -0.45 -21.45
C LEU A 606 5.52 0.23 -21.07
N GLY A 607 4.55 -0.58 -20.68
CA GLY A 607 3.23 -0.07 -20.32
C GLY A 607 3.28 0.90 -19.16
N TYR A 608 4.11 0.59 -18.18
CA TYR A 608 4.23 1.41 -16.98
C TYR A 608 5.08 2.66 -17.27
N VAL A 609 6.24 2.44 -17.88
CA VAL A 609 7.25 3.47 -18.12
C VAL A 609 6.75 4.60 -19.04
N VAL A 610 6.00 4.26 -20.07
CA VAL A 610 5.44 5.27 -20.96
C VAL A 610 4.57 6.34 -20.26
N ARG A 611 3.68 5.92 -19.36
CA ARG A 611 2.85 6.87 -18.62
C ARG A 611 3.65 7.64 -17.55
N TRP A 612 4.63 6.95 -16.98
CA TRP A 612 5.52 7.53 -15.97
C TRP A 612 6.38 8.63 -16.56
N VAL A 613 7.13 8.28 -17.60
CA VAL A 613 8.07 9.23 -18.19
C VAL A 613 7.35 10.37 -18.94
N ASP A 614 6.33 10.03 -19.72
CA ASP A 614 5.65 11.02 -20.56
C ASP A 614 4.61 11.86 -19.83
N GLN A 615 3.90 11.26 -18.88
CA GLN A 615 2.82 12.00 -18.21
C GLN A 615 2.96 12.19 -16.70
N GLY A 616 4.07 11.74 -16.14
CA GLY A 616 4.27 11.80 -14.69
C GLY A 616 3.21 11.07 -13.88
N VAL A 617 2.68 9.98 -14.44
CA VAL A 617 1.73 9.14 -13.73
C VAL A 617 2.46 7.92 -13.16
N GLY A 618 2.33 7.71 -11.84
CA GLY A 618 3.00 6.61 -11.17
C GLY A 618 2.10 5.44 -10.79
N ALA A 619 0.80 5.57 -11.10
CA ALA A 619 -0.16 4.50 -10.91
C ALA A 619 -1.44 4.77 -11.69
N SER A 620 -2.02 3.70 -12.22
CA SER A 620 -3.19 3.77 -13.08
C SER A 620 -3.57 2.34 -13.44
N LYS A 621 -4.75 2.15 -14.03
CA LYS A 621 -5.13 0.81 -14.45
C LYS A 621 -4.46 0.51 -15.78
N VAL A 622 -3.36 -0.24 -15.73
CA VAL A 622 -2.58 -0.56 -16.92
C VAL A 622 -2.88 -1.95 -17.43
N PRO A 623 -3.29 -2.07 -18.70
CA PRO A 623 -3.52 -3.41 -19.25
C PRO A 623 -2.22 -4.18 -19.45
N ASP A 624 -2.22 -5.44 -19.02
CA ASP A 624 -1.05 -6.28 -19.20
C ASP A 624 -1.08 -6.88 -20.59
N ILE A 625 -0.23 -7.87 -20.84
CA ILE A 625 -0.09 -8.40 -22.19
C ILE A 625 -1.35 -9.16 -22.63
N HIS A 626 -2.06 -9.73 -21.66
CA HIS A 626 -3.33 -10.42 -21.95
C HIS A 626 -4.51 -9.46 -21.74
N ASP A 627 -4.20 -8.17 -21.67
CA ASP A 627 -5.21 -7.12 -21.49
C ASP A 627 -5.98 -7.21 -20.18
N VAL A 628 -5.43 -7.90 -19.18
CA VAL A 628 -5.94 -7.81 -17.82
C VAL A 628 -5.49 -6.49 -17.20
N ALA A 629 -6.44 -5.71 -16.69
CA ALA A 629 -6.10 -4.44 -16.05
C ALA A 629 -5.37 -4.66 -14.73
N LEU A 630 -4.16 -4.12 -14.62
CA LEU A 630 -3.40 -4.15 -13.37
C LEU A 630 -3.16 -2.74 -12.82
N MET A 631 -3.30 -2.58 -11.50
CA MET A 631 -2.88 -1.35 -10.87
C MET A 631 -1.69 -1.63 -9.96
N GLU A 632 -0.50 -1.55 -10.54
CA GLU A 632 0.73 -1.80 -9.81
C GLU A 632 1.47 -0.47 -9.68
N ASP A 633 2.39 -0.38 -8.72
CA ASP A 633 3.27 0.78 -8.67
C ASP A 633 4.61 0.50 -9.32
N ARG A 634 5.59 1.32 -8.98
CA ARG A 634 6.94 1.24 -9.53
C ARG A 634 7.64 -0.13 -9.31
N ALA A 635 7.29 -0.83 -8.24
CA ALA A 635 7.90 -2.13 -7.97
C ALA A 635 7.75 -3.14 -9.13
N THR A 636 6.70 -3.00 -9.93
CA THR A 636 6.51 -3.87 -11.08
C THR A 636 7.69 -3.73 -12.04
N LEU A 637 8.22 -2.51 -12.11
CA LEU A 637 9.40 -2.22 -12.90
C LEU A 637 10.60 -2.96 -12.34
N ARG A 638 10.72 -2.98 -11.03
CA ARG A 638 11.88 -3.52 -10.38
C ARG A 638 11.98 -5.00 -10.64
N ILE A 639 10.86 -5.71 -10.49
CA ILE A 639 10.88 -7.16 -10.69
C ILE A 639 11.09 -7.54 -12.16
N SER A 640 10.38 -6.86 -13.06
CA SER A 640 10.43 -7.26 -14.48
C SER A 640 11.82 -7.04 -15.02
N SER A 641 12.43 -5.92 -14.62
CA SER A 641 13.72 -5.54 -15.17
C SER A 641 14.81 -6.40 -14.57
N GLN A 642 14.71 -6.71 -13.29
CA GLN A 642 15.68 -7.61 -12.68
C GLN A 642 15.60 -9.03 -13.28
N LEU A 643 14.40 -9.48 -13.59
CA LEU A 643 14.22 -10.83 -14.16
C LEU A 643 14.87 -10.89 -15.55
N LEU A 644 14.54 -9.91 -16.40
CA LEU A 644 15.14 -9.81 -17.73
C LEU A 644 16.65 -9.72 -17.64
N ALA A 645 17.14 -8.88 -16.73
CA ALA A 645 18.57 -8.71 -16.56
C ALA A 645 19.21 -10.00 -16.11
N ASN A 646 18.55 -10.69 -15.18
CA ASN A 646 19.01 -12.01 -14.76
C ASN A 646 19.05 -13.03 -15.91
N TRP A 647 18.02 -13.06 -16.73
CA TRP A 647 18.02 -13.97 -17.88
C TRP A 647 19.10 -13.63 -18.92
N LEU A 648 19.40 -12.33 -19.08
CA LEU A 648 20.45 -11.89 -19.99
C LEU A 648 21.84 -12.25 -19.42
N ARG A 649 21.98 -12.10 -18.11
CA ARG A 649 23.23 -12.38 -17.41
C ARG A 649 23.65 -13.84 -17.57
N HIS A 650 22.66 -14.72 -17.63
CA HIS A 650 22.93 -16.16 -17.57
C HIS A 650 22.65 -16.90 -18.88
N GLY A 651 22.51 -16.15 -19.97
CA GLY A 651 22.43 -16.74 -21.29
C GLY A 651 21.12 -17.42 -21.64
N VAL A 652 20.08 -17.15 -20.87
CA VAL A 652 18.76 -17.65 -21.20
C VAL A 652 18.27 -16.99 -22.49
N ILE A 653 18.53 -15.70 -22.62
CA ILE A 653 18.10 -14.92 -23.78
C ILE A 653 19.29 -14.08 -24.25
N THR A 654 19.22 -13.59 -25.48
CA THR A 654 20.28 -12.70 -25.99
C THR A 654 19.80 -11.25 -25.97
N SER A 655 20.68 -10.30 -26.27
CA SER A 655 20.26 -8.91 -26.32
C SER A 655 19.37 -8.65 -27.52
N ALA A 656 19.51 -9.45 -28.58
CA ALA A 656 18.63 -9.30 -29.74
C ALA A 656 17.21 -9.80 -29.39
N ASP A 657 17.15 -10.78 -28.49
CA ASP A 657 15.86 -11.24 -27.98
C ASP A 657 15.11 -10.13 -27.23
N VAL A 658 15.84 -9.42 -26.38
CA VAL A 658 15.28 -8.32 -25.60
C VAL A 658 14.78 -7.22 -26.54
N ARG A 659 15.63 -6.84 -27.48
CA ARG A 659 15.30 -5.86 -28.50
C ARG A 659 14.04 -6.20 -29.28
N ALA A 660 13.98 -7.43 -29.83
CA ALA A 660 12.83 -7.88 -30.62
C ALA A 660 11.53 -7.83 -29.80
N SER A 661 11.61 -8.24 -28.54
CA SER A 661 10.45 -8.16 -27.66
C SER A 661 10.01 -6.73 -27.43
N LEU A 662 10.97 -5.84 -27.18
CA LEU A 662 10.65 -4.44 -26.97
C LEU A 662 9.96 -3.87 -28.20
N GLU A 663 10.52 -4.20 -29.37
CA GLU A 663 9.96 -3.77 -30.65
C GLU A 663 8.57 -4.34 -30.89
N ARG A 664 8.31 -5.57 -30.46
CA ARG A 664 6.97 -6.14 -30.61
C ARG A 664 5.98 -5.49 -29.64
N MET A 665 6.36 -5.41 -28.38
CA MET A 665 5.45 -4.89 -27.35
C MET A 665 5.12 -3.40 -27.46
N ALA A 666 6.03 -2.59 -28.00
CA ALA A 666 5.79 -1.14 -28.06
C ALA A 666 4.54 -0.70 -28.85
N PRO A 667 4.33 -1.25 -30.08
CA PRO A 667 3.10 -0.87 -30.78
C PRO A 667 1.85 -1.41 -30.08
N LEU A 668 1.99 -2.54 -29.39
CA LEU A 668 0.86 -3.10 -28.67
C LEU A 668 0.47 -2.18 -27.50
N VAL A 669 1.47 -1.69 -26.78
CA VAL A 669 1.27 -0.68 -25.75
C VAL A 669 0.67 0.60 -26.34
N ASP A 670 1.18 1.04 -27.49
CA ASP A 670 0.64 2.22 -28.18
C ASP A 670 -0.87 2.08 -28.35
N ARG A 671 -1.30 0.92 -28.82
CA ARG A 671 -2.71 0.64 -29.04
C ARG A 671 -3.51 0.62 -27.72
N GLN A 672 -2.95 -0.01 -26.69
CA GLN A 672 -3.60 -0.06 -25.37
C GLN A 672 -3.79 1.33 -24.74
N ASN A 673 -3.19 2.34 -25.35
CA ASN A 673 -3.31 3.72 -24.86
C ASN A 673 -4.15 4.62 -25.75
N ALA A 674 -4.90 4.01 -26.67
CA ALA A 674 -5.76 4.77 -27.59
C ALA A 674 -6.90 5.47 -26.86
N VAL A 677 -6.61 12.49 -25.65
CA VAL A 677 -5.53 12.12 -24.74
C VAL A 677 -4.22 12.79 -25.20
N ALA A 678 -3.23 12.81 -24.32
CA ALA A 678 -1.93 13.41 -24.64
C ALA A 678 -0.89 12.34 -25.00
N TYR A 679 -1.33 11.10 -25.12
CA TYR A 679 -0.40 10.00 -25.39
C TYR A 679 0.30 10.16 -26.73
N ARG A 680 1.61 9.90 -26.75
CA ARG A 680 2.41 9.97 -27.96
C ARG A 680 3.09 8.62 -28.18
N PRO A 681 2.84 8.00 -29.34
CA PRO A 681 3.28 6.63 -29.64
C PRO A 681 4.81 6.48 -29.60
N MET A 682 5.24 5.37 -29.07
CA MET A 682 6.63 5.03 -28.97
C MET A 682 7.17 4.56 -30.33
N ALA A 683 6.35 3.84 -31.05
CA ALA A 683 6.70 3.32 -32.35
C ALA A 683 6.31 4.32 -33.44
N PRO A 684 6.97 4.29 -34.67
CA PRO A 684 8.07 3.34 -34.83
C PRO A 684 9.44 3.91 -34.65
N ASN A 685 9.51 5.16 -34.31
CA ASN A 685 10.78 5.83 -34.10
C ASN A 685 11.25 5.74 -32.67
N PHE A 686 11.68 4.56 -32.27
CA PHE A 686 12.00 4.24 -30.88
C PHE A 686 13.06 5.15 -30.24
N ASP A 687 14.15 5.35 -30.92
CA ASP A 687 15.22 6.17 -30.38
C ASP A 687 14.90 7.66 -30.22
N ASP A 688 13.72 8.04 -30.66
CA ASP A 688 13.21 9.40 -30.48
C ASP A 688 12.27 9.47 -29.27
N SER A 689 11.87 8.31 -28.76
CA SER A 689 11.01 8.22 -27.61
C SER A 689 11.83 8.06 -26.32
N ILE A 690 11.81 9.08 -25.46
CA ILE A 690 12.51 9.04 -24.18
C ILE A 690 12.04 7.89 -23.27
N ALA A 691 10.75 7.54 -23.34
CA ALA A 691 10.19 6.47 -22.51
C ALA A 691 10.60 5.09 -23.01
N PHE A 692 10.71 4.94 -24.32
CA PHE A 692 11.19 3.68 -24.88
C PHE A 692 12.65 3.46 -24.50
N LEU A 693 13.46 4.50 -24.63
CA LEU A 693 14.86 4.44 -24.24
C LEU A 693 15.03 4.18 -22.75
N ALA A 694 14.15 4.77 -21.94
CA ALA A 694 14.08 4.45 -20.52
C ALA A 694 13.83 2.96 -20.25
N ALA A 695 12.90 2.37 -20.99
CA ALA A 695 12.56 0.96 -20.80
C ALA A 695 13.77 0.10 -21.11
N GLN A 696 14.40 0.40 -22.24
CA GLN A 696 15.59 -0.29 -22.69
C GLN A 696 16.73 -0.22 -21.67
N GLU A 697 16.95 0.96 -21.11
CA GLU A 697 18.00 1.20 -20.10
C GLU A 697 17.77 0.44 -18.80
N LEU A 698 16.53 0.39 -18.35
CA LEU A 698 16.22 -0.30 -17.10
C LEU A 698 16.65 -1.75 -17.21
N ILE A 699 16.41 -2.34 -18.37
CA ILE A 699 16.79 -3.74 -18.60
C ILE A 699 18.31 -3.91 -18.74
N LEU A 700 18.92 -3.14 -19.64
CA LEU A 700 20.33 -3.34 -19.98
C LEU A 700 21.28 -2.86 -18.88
N SER A 701 20.81 -1.93 -18.06
CA SER A 701 21.56 -1.49 -16.90
C SER A 701 21.06 -2.11 -15.60
N GLY A 702 20.07 -3.00 -15.70
CA GLY A 702 19.46 -3.61 -14.51
C GLY A 702 20.43 -4.18 -13.49
N ALA A 703 21.35 -5.02 -13.96
CA ALA A 703 22.27 -5.70 -13.06
C ALA A 703 23.16 -4.75 -12.27
N GLN A 704 23.36 -3.53 -12.75
CA GLN A 704 24.29 -2.60 -12.07
C GLN A 704 23.61 -1.53 -11.22
N GLN A 705 22.28 -1.50 -11.25
CA GLN A 705 21.53 -0.59 -10.39
C GLN A 705 21.60 -1.08 -8.96
N PRO A 706 21.83 -0.17 -8.00
CA PRO A 706 21.96 -0.56 -6.58
C PRO A 706 20.70 -1.28 -6.13
N ASN A 707 20.85 -2.52 -5.67
CA ASN A 707 19.71 -3.37 -5.29
C ASN A 707 18.60 -3.47 -6.34
N GLY A 708 18.96 -3.18 -7.59
CA GLY A 708 18.00 -3.23 -8.67
C GLY A 708 16.99 -2.10 -8.67
N TYR A 709 17.27 -1.03 -7.92
CA TYR A 709 16.32 0.09 -7.82
C TYR A 709 16.18 0.82 -9.17
N THR A 710 14.96 1.20 -9.50
CA THR A 710 14.69 1.79 -10.81
C THR A 710 14.67 3.32 -10.78
N GLU A 711 14.60 3.90 -9.59
CA GLU A 711 14.47 5.34 -9.43
C GLU A 711 15.59 6.17 -10.11
N PRO A 712 16.87 5.81 -9.91
CA PRO A 712 17.92 6.63 -10.53
C PRO A 712 17.73 6.82 -12.04
N ILE A 713 17.36 5.76 -12.75
CA ILE A 713 17.14 5.85 -14.19
C ILE A 713 15.84 6.57 -14.52
N LEU A 714 14.76 6.16 -13.85
CA LEU A 714 13.45 6.77 -14.06
C LEU A 714 13.43 8.28 -13.86
N HIS A 715 14.06 8.74 -12.77
CA HIS A 715 14.03 10.15 -12.42
C HIS A 715 14.80 11.00 -13.42
N ARG A 716 15.94 10.49 -13.86
CA ARG A 716 16.75 11.10 -14.92
C ARG A 716 15.96 11.26 -16.23
N ARG A 717 15.43 10.15 -16.75
CA ARG A 717 14.62 10.17 -17.97
C ARG A 717 13.38 11.10 -17.91
N ARG A 718 12.67 11.11 -16.78
CA ARG A 718 11.50 11.99 -16.62
C ARG A 718 11.93 13.47 -16.63
N ARG A 719 13.05 13.77 -15.99
CA ARG A 719 13.59 15.13 -16.00
C ARG A 719 14.05 15.53 -17.41
N GLU A 720 14.58 14.56 -18.16
CA GLU A 720 14.93 14.77 -19.56
C GLU A 720 13.70 15.11 -20.41
N PHE A 721 12.65 14.31 -20.26
CA PHE A 721 11.39 14.57 -20.94
C PHE A 721 10.82 15.97 -20.62
N LYS A 722 10.91 16.36 -19.35
CA LYS A 722 10.37 17.65 -18.91
C LYS A 722 11.15 18.77 -19.57
N ALA A 723 12.45 18.56 -19.70
CA ALA A 723 13.34 19.58 -20.25
C ALA A 723 13.08 19.75 -21.74
N ARG A 724 12.86 18.63 -22.42
CA ARG A 724 12.49 18.67 -23.83
C ARG A 724 11.15 19.35 -24.02
N ALA A 725 10.25 19.16 -23.06
CA ALA A 725 8.90 19.70 -23.16
C ALA A 725 8.86 21.21 -22.93
N ALA A 726 9.96 21.76 -22.43
CA ALA A 726 10.03 23.20 -22.15
C ALA A 726 10.73 23.97 -23.27
N GLU A 727 10.85 23.35 -24.44
CA GLU A 727 11.49 23.99 -25.58
C GLU A 727 10.53 24.16 -26.76
MG MG B . 7.32 -1.49 -2.35
C10 6MW C . 0.68 0.92 -4.45
C11 6MW C . -0.35 1.78 -4.82
C13 6MW C . -1.13 0.28 -6.40
C14 6MW C . -0.11 -0.63 -6.09
O01 6MW C . 5.64 -3.25 -2.70
C02 6MW C . 4.91 -2.24 -2.65
O03 6MW C . 5.01 -1.28 -1.85
C04 6MW C . 3.77 -2.09 -3.79
C05 6MW C . 3.33 -3.41 -4.46
S06 6MW C . 1.80 -2.96 -5.43
C07 6MW C . 1.93 -1.23 -4.76
N08 6MW C . 2.54 -1.35 -3.44
C09 6MW C . 0.79 -0.31 -5.09
N12 6MW C . -1.27 1.47 -5.77
#